data_6KO7
#
_entry.id   6KO7
#
_cell.length_a   44.164
_cell.length_b   54.276
_cell.length_c   91.412
_cell.angle_alpha   103.420
_cell.angle_beta   97.450
_cell.angle_gamma   90.140
#
_symmetry.space_group_name_H-M   'P 1'
#
loop_
_entity.id
_entity.type
_entity.pdbx_description
1 polymer 'Putative regulatory protein'
2 non-polymer ETHIDIUM
3 non-polymer 'SULFATE ION'
4 water water
#
_entity_poly.entity_id   1
_entity_poly.type   'polypeptide(L)'
_entity_poly.pdbx_seq_one_letter_code
;MVARPKSEDKKQALLEAATQAIAQSGIAASTAVIARNAGVAEGTLFRYFATKDELINTLYLHLKQDLCQSMIMELDRSIT
DAKMMTRFIWNSYISWGLNHPARHRAIRQLAVSEKLTKETEQRADDMFPELRDLCHRSVLMVFMSDEYRAFGDGLFLALA
ETTMDFAARDPARAGEYIALGFEAMWRALTREEQ
;
_entity_poly.pdbx_strand_id   A,B,C,D
#
loop_
_chem_comp.id
_chem_comp.type
_chem_comp.name
_chem_comp.formula
ET non-polymer ETHIDIUM 'C21 H20 N3 1'
SO4 non-polymer 'SULFATE ION' 'O4 S -2'
#
# COMPACT_ATOMS: atom_id res chain seq x y z
N ASP A 9 -34.35 11.13 -31.10
CA ASP A 9 -33.73 10.33 -30.02
C ASP A 9 -32.78 9.28 -30.57
N LYS A 10 -32.95 8.78 -31.80
CA LYS A 10 -32.10 7.66 -32.27
C LYS A 10 -30.71 8.21 -32.56
N LYS A 11 -30.62 9.41 -33.13
CA LYS A 11 -29.36 10.06 -33.51
C LYS A 11 -28.55 10.35 -32.23
N GLN A 12 -29.18 10.95 -31.23
CA GLN A 12 -28.53 11.25 -29.92
C GLN A 12 -28.09 9.95 -29.24
N ALA A 13 -28.93 8.92 -29.27
CA ALA A 13 -28.58 7.60 -28.75
C ALA A 13 -27.35 7.09 -29.47
N LEU A 14 -27.29 7.24 -30.79
CA LEU A 14 -26.10 6.72 -31.52
C LEU A 14 -24.87 7.55 -31.12
N LEU A 15 -25.03 8.86 -30.96
CA LEU A 15 -23.87 9.70 -30.59
C LEU A 15 -23.37 9.35 -29.18
N GLU A 16 -24.25 9.05 -28.22
CA GLU A 16 -23.82 8.67 -26.83
C GLU A 16 -23.16 7.28 -26.90
N ALA A 17 -23.73 6.30 -27.63
CA ALA A 17 -23.09 4.99 -27.79
C ALA A 17 -21.74 5.15 -28.48
N ALA A 18 -21.67 6.00 -29.49
CA ALA A 18 -20.41 6.24 -30.24
C ALA A 18 -19.34 6.82 -29.29
N THR A 19 -19.77 7.73 -28.43
CA THR A 19 -18.87 8.38 -27.43
C THR A 19 -18.25 7.29 -26.56
N GLN A 20 -19.09 6.43 -25.99
CA GLN A 20 -18.64 5.38 -25.04
C GLN A 20 -17.71 4.43 -25.79
N ALA A 21 -18.03 4.07 -27.04
CA ALA A 21 -17.28 3.04 -27.80
C ALA A 21 -15.90 3.57 -28.17
N ILE A 22 -15.85 4.83 -28.62
CA ILE A 22 -14.61 5.43 -29.15
C ILE A 22 -13.73 5.77 -27.94
N ALA A 23 -14.34 6.10 -26.80
CA ALA A 23 -13.56 6.36 -25.58
C ALA A 23 -12.77 5.10 -25.24
N GLN A 24 -13.38 3.91 -25.42
CA GLN A 24 -12.77 2.62 -25.02
C GLN A 24 -11.85 2.08 -26.14
N SER A 25 -12.19 2.17 -27.43
CA SER A 25 -11.42 1.47 -28.50
C SER A 25 -10.88 2.41 -29.58
N GLY A 26 -10.98 3.73 -29.43
CA GLY A 26 -10.57 4.66 -30.49
C GLY A 26 -11.47 4.57 -31.71
N ILE A 27 -11.05 5.18 -32.82
CA ILE A 27 -11.88 5.21 -34.07
C ILE A 27 -12.00 3.79 -34.65
N ALA A 28 -11.19 2.83 -34.19
CA ALA A 28 -11.34 1.39 -34.49
C ALA A 28 -12.63 0.83 -33.84
N ALA A 29 -13.36 1.60 -33.02
CA ALA A 29 -14.63 1.15 -32.45
C ALA A 29 -15.51 0.64 -33.58
N SER A 30 -16.23 -0.42 -33.31
CA SER A 30 -17.07 -1.09 -34.33
C SER A 30 -18.41 -0.38 -34.41
N THR A 31 -18.92 -0.18 -35.63
CA THR A 31 -20.27 0.38 -35.84
C THR A 31 -21.36 -0.63 -35.46
N ALA A 32 -21.08 -1.95 -35.54
CA ALA A 32 -21.97 -3.01 -35.02
C ALA A 32 -22.20 -2.80 -33.52
N VAL A 33 -21.10 -2.68 -32.78
CA VAL A 33 -21.12 -2.50 -31.30
C VAL A 33 -21.82 -1.16 -31.00
N ILE A 34 -21.42 -0.10 -31.68
CA ILE A 34 -22.08 1.22 -31.41
C ILE A 34 -23.58 1.05 -31.56
N ALA A 35 -24.06 0.53 -32.69
CA ALA A 35 -25.52 0.58 -32.97
C ALA A 35 -26.24 -0.26 -31.90
N ARG A 36 -25.75 -1.46 -31.63
CA ARG A 36 -26.41 -2.34 -30.65
C ARG A 36 -26.53 -1.61 -29.31
N ASN A 37 -25.43 -1.03 -28.85
CA ASN A 37 -25.36 -0.34 -27.53
C ASN A 37 -26.34 0.84 -27.53
N ALA A 38 -26.66 1.43 -28.66
CA ALA A 38 -27.67 2.52 -28.76
C ALA A 38 -29.09 1.96 -28.74
N GLY A 39 -29.23 0.65 -28.92
CA GLY A 39 -30.56 0.02 -29.06
C GLY A 39 -31.08 0.06 -30.50
N VAL A 40 -30.20 0.12 -31.52
CA VAL A 40 -30.60 0.16 -32.96
C VAL A 40 -29.71 -0.71 -33.86
N ALA A 41 -30.24 -1.02 -35.06
CA ALA A 41 -29.58 -1.87 -36.07
C ALA A 41 -28.36 -1.12 -36.65
N GLU A 42 -27.27 -1.83 -36.96
CA GLU A 42 -26.13 -1.23 -37.70
C GLU A 42 -26.68 -0.62 -39.00
N GLY A 43 -27.63 -1.29 -39.66
CA GLY A 43 -28.27 -0.73 -40.86
C GLY A 43 -28.79 0.69 -40.58
N THR A 44 -29.53 0.88 -39.46
CA THR A 44 -30.12 2.19 -39.03
C THR A 44 -29.00 3.21 -38.76
N LEU A 45 -27.91 2.78 -38.13
CA LEU A 45 -26.75 3.68 -37.90
C LEU A 45 -26.33 4.27 -39.25
N PHE A 46 -26.24 3.42 -40.32
CA PHE A 46 -25.79 3.88 -41.65
C PHE A 46 -26.88 4.68 -42.37
N ARG A 47 -28.11 4.67 -41.86
CA ARG A 47 -29.20 5.57 -42.34
C ARG A 47 -28.93 6.99 -41.80
N TYR A 48 -28.41 7.10 -40.60
CA TYR A 48 -28.16 8.41 -39.95
C TYR A 48 -26.82 8.97 -40.42
N PHE A 49 -25.84 8.08 -40.62
CA PHE A 49 -24.44 8.41 -41.00
C PHE A 49 -24.02 7.43 -42.09
N ALA A 50 -23.97 7.89 -43.32
CA ALA A 50 -23.80 7.01 -44.50
C ALA A 50 -22.38 6.39 -44.46
N THR A 51 -21.43 7.00 -43.72
CA THR A 51 -20.06 6.48 -43.55
C THR A 51 -19.64 6.63 -42.10
N LYS A 52 -18.65 5.81 -41.71
CA LYS A 52 -18.03 5.88 -40.37
C LYS A 52 -17.44 7.30 -40.19
N ASP A 53 -16.86 7.84 -41.26
CA ASP A 53 -16.26 9.21 -41.26
C ASP A 53 -17.34 10.27 -40.94
N GLU A 54 -18.56 10.18 -41.47
CA GLU A 54 -19.58 11.19 -41.15
C GLU A 54 -19.96 11.11 -39.67
N LEU A 55 -20.03 9.91 -39.10
CA LEU A 55 -20.32 9.75 -37.65
C LEU A 55 -19.17 10.40 -36.87
N ILE A 56 -17.93 10.17 -37.29
CA ILE A 56 -16.74 10.73 -36.57
C ILE A 56 -16.87 12.27 -36.59
N ASN A 57 -17.22 12.82 -37.75
CA ASN A 57 -17.22 14.30 -37.91
C ASN A 57 -18.34 14.89 -37.06
N THR A 58 -19.51 14.28 -37.10
CA THR A 58 -20.68 14.83 -36.39
C THR A 58 -20.42 14.72 -34.89
N LEU A 59 -19.97 13.57 -34.43
CA LEU A 59 -19.71 13.32 -33.00
C LEU A 59 -18.65 14.30 -32.51
N TYR A 60 -17.57 14.48 -33.25
CA TYR A 60 -16.57 15.49 -32.85
C TYR A 60 -17.23 16.85 -32.60
N LEU A 61 -18.03 17.32 -33.54
CA LEU A 61 -18.62 18.69 -33.41
C LEU A 61 -19.59 18.75 -32.22
N HIS A 62 -20.34 17.70 -31.96
CA HIS A 62 -21.29 17.64 -30.82
C HIS A 62 -20.49 17.72 -29.52
N LEU A 63 -19.43 16.94 -29.41
CA LEU A 63 -18.62 16.89 -28.14
C LEU A 63 -17.90 18.23 -27.99
N LYS A 64 -17.34 18.77 -29.07
CA LYS A 64 -16.65 20.07 -28.94
C LYS A 64 -17.64 21.17 -28.52
N GLN A 65 -18.85 21.15 -29.04
CA GLN A 65 -19.86 22.20 -28.73
C GLN A 65 -20.12 22.13 -27.21
N ASP A 66 -20.33 20.91 -26.71
CA ASP A 66 -20.55 20.63 -25.26
C ASP A 66 -19.39 21.19 -24.42
N LEU A 67 -18.15 20.86 -24.79
CA LEU A 67 -16.93 21.28 -24.04
C LEU A 67 -16.85 22.81 -24.08
N CYS A 68 -17.01 23.37 -25.27
CA CYS A 68 -16.91 24.84 -25.45
C CYS A 68 -18.02 25.57 -24.66
N GLN A 69 -19.26 25.08 -24.67
CA GLN A 69 -20.38 25.68 -23.88
C GLN A 69 -19.97 25.72 -22.41
N SER A 70 -19.39 24.63 -21.92
CA SER A 70 -19.00 24.49 -20.51
C SER A 70 -17.94 25.55 -20.18
N MET A 71 -16.92 25.66 -21.01
CA MET A 71 -15.83 26.68 -20.78
C MET A 71 -16.38 28.13 -20.90
N ILE A 72 -17.19 28.41 -21.89
CA ILE A 72 -17.75 29.76 -22.08
C ILE A 72 -18.61 30.09 -20.85
N MET A 73 -19.43 29.17 -20.35
CA MET A 73 -20.30 29.50 -19.19
C MET A 73 -19.46 29.85 -17.96
N GLU A 74 -18.25 29.31 -17.84
CA GLU A 74 -17.38 29.54 -16.66
C GLU A 74 -16.42 30.71 -16.85
N LEU A 75 -16.33 31.28 -18.04
CA LEU A 75 -15.29 32.27 -18.34
C LEU A 75 -15.49 33.50 -17.45
N ASP A 76 -14.43 33.90 -16.73
CA ASP A 76 -14.42 35.12 -15.88
C ASP A 76 -13.67 36.24 -16.62
N ARG A 77 -14.38 37.23 -17.14
CA ARG A 77 -13.80 38.31 -18.01
C ARG A 77 -13.09 39.34 -17.16
N SER A 78 -13.16 39.15 -15.85
CA SER A 78 -12.46 40.02 -14.88
C SER A 78 -10.98 39.64 -14.90
N ILE A 79 -10.65 38.48 -15.49
CA ILE A 79 -9.25 37.98 -15.55
C ILE A 79 -8.55 38.55 -16.78
N THR A 80 -7.78 39.62 -16.60
CA THR A 80 -7.19 40.39 -17.73
C THR A 80 -5.74 39.95 -18.03
N ASP A 81 -5.12 39.14 -17.17
CA ASP A 81 -3.77 38.57 -17.45
C ASP A 81 -3.93 37.37 -18.39
N ALA A 82 -3.18 37.34 -19.51
CA ALA A 82 -3.30 36.27 -20.52
C ALA A 82 -2.99 34.91 -19.90
N LYS A 83 -1.91 34.77 -19.13
CA LYS A 83 -1.57 33.44 -18.54
C LYS A 83 -2.66 33.02 -17.54
N MET A 84 -3.10 33.92 -16.65
CA MET A 84 -4.11 33.56 -15.62
C MET A 84 -5.42 33.17 -16.33
N MET A 85 -5.72 33.84 -17.41
CA MET A 85 -6.95 33.49 -18.13
C MET A 85 -6.87 32.08 -18.70
N THR A 86 -5.74 31.79 -19.34
CA THR A 86 -5.43 30.50 -19.95
C THR A 86 -5.56 29.47 -18.84
N ARG A 87 -5.05 29.83 -17.68
CA ARG A 87 -5.09 28.91 -16.55
C ARG A 87 -6.53 28.62 -16.13
N PHE A 88 -7.37 29.65 -16.06
CA PHE A 88 -8.78 29.47 -15.59
C PHE A 88 -9.52 28.65 -16.64
N ILE A 89 -9.19 28.88 -17.90
CA ILE A 89 -9.83 28.06 -18.98
C ILE A 89 -9.33 26.61 -18.89
N TRP A 90 -8.05 26.40 -18.63
CA TRP A 90 -7.50 25.02 -18.36
C TRP A 90 -8.28 24.35 -17.23
N ASN A 91 -8.48 25.08 -16.15
CA ASN A 91 -9.26 24.54 -15.00
C ASN A 91 -10.64 24.07 -15.48
N SER A 92 -11.33 24.87 -16.31
CA SER A 92 -12.68 24.50 -16.77
C SER A 92 -12.57 23.26 -17.70
N TYR A 93 -11.53 23.21 -18.53
CA TYR A 93 -11.33 22.10 -19.48
C TYR A 93 -11.16 20.79 -18.69
N ILE A 94 -10.23 20.84 -17.74
CA ILE A 94 -9.95 19.64 -16.90
C ILE A 94 -11.24 19.27 -16.18
N SER A 95 -11.93 20.26 -15.65
CA SER A 95 -13.14 19.98 -14.85
C SER A 95 -14.17 19.23 -15.76
N TRP A 96 -14.32 19.66 -17.02
CA TRP A 96 -15.25 19.04 -17.99
C TRP A 96 -14.83 17.59 -18.23
N GLY A 97 -13.55 17.36 -18.39
CA GLY A 97 -13.04 15.98 -18.58
C GLY A 97 -13.27 15.13 -17.36
N LEU A 98 -13.09 15.66 -16.15
CA LEU A 98 -13.33 14.85 -14.93
C LEU A 98 -14.82 14.56 -14.80
N ASN A 99 -15.64 15.51 -15.22
CA ASN A 99 -17.11 15.30 -15.19
C ASN A 99 -17.55 14.34 -16.31
N HIS A 100 -16.81 14.27 -17.40
CA HIS A 100 -17.23 13.50 -18.61
C HIS A 100 -16.04 12.76 -19.22
N PRO A 101 -15.51 11.74 -18.54
CA PRO A 101 -14.25 11.14 -18.94
C PRO A 101 -14.34 10.45 -20.31
N ALA A 102 -15.49 9.79 -20.62
CA ALA A 102 -15.71 9.19 -21.95
C ALA A 102 -15.77 10.32 -22.99
N ARG A 103 -16.45 11.43 -22.68
CA ARG A 103 -16.52 12.54 -23.66
C ARG A 103 -15.09 12.99 -23.96
N HIS A 104 -14.23 13.25 -22.96
CA HIS A 104 -12.88 13.77 -23.30
C HIS A 104 -12.05 12.70 -23.99
N ARG A 105 -12.12 11.45 -23.58
CA ARG A 105 -11.35 10.38 -24.27
C ARG A 105 -11.76 10.30 -25.75
N ALA A 106 -13.05 10.41 -26.04
CA ALA A 106 -13.55 10.36 -27.43
C ALA A 106 -13.03 11.59 -28.19
N ILE A 107 -13.14 12.76 -27.60
CA ILE A 107 -12.69 14.00 -28.30
C ILE A 107 -11.23 13.86 -28.72
N ARG A 108 -10.40 13.36 -27.82
CA ARG A 108 -8.96 13.23 -28.08
C ARG A 108 -8.73 12.24 -29.23
N GLN A 109 -9.34 11.07 -29.18
CA GLN A 109 -9.19 10.06 -30.27
C GLN A 109 -9.67 10.64 -31.61
N LEU A 110 -10.76 11.40 -31.61
CA LEU A 110 -11.34 11.97 -32.86
C LEU A 110 -10.41 13.08 -33.38
N ALA A 111 -9.90 13.89 -32.47
CA ALA A 111 -9.11 15.09 -32.84
C ALA A 111 -7.83 14.65 -33.55
N VAL A 112 -7.26 13.50 -33.19
CA VAL A 112 -5.93 13.09 -33.72
C VAL A 112 -6.12 12.03 -34.81
N SER A 113 -7.32 11.87 -35.34
CA SER A 113 -7.69 10.71 -36.18
C SER A 113 -7.33 10.91 -37.65
N GLU A 114 -7.12 12.15 -38.11
CA GLU A 114 -6.97 12.46 -39.56
C GLU A 114 -8.26 12.16 -40.33
N LYS A 115 -9.38 11.97 -39.66
CA LYS A 115 -10.68 11.74 -40.37
C LYS A 115 -11.53 13.02 -40.35
N LEU A 116 -11.07 14.10 -39.73
CA LEU A 116 -11.89 15.33 -39.66
C LEU A 116 -11.70 16.09 -40.99
N THR A 117 -12.81 16.53 -41.57
CA THR A 117 -12.81 17.40 -42.76
C THR A 117 -12.32 18.81 -42.37
N LYS A 118 -11.76 19.51 -43.34
CA LYS A 118 -11.41 20.96 -43.28
C LYS A 118 -12.55 21.77 -42.67
N GLU A 119 -13.79 21.55 -43.14
CA GLU A 119 -14.99 22.27 -42.68
C GLU A 119 -15.24 21.93 -41.21
N THR A 120 -15.04 20.67 -40.79
CA THR A 120 -15.27 20.30 -39.39
C THR A 120 -14.27 21.07 -38.51
N GLU A 121 -13.01 21.07 -38.91
CA GLU A 121 -11.94 21.72 -38.10
C GLU A 121 -12.25 23.22 -38.01
N GLN A 122 -12.79 23.84 -39.06
CA GLN A 122 -13.11 25.30 -39.08
C GLN A 122 -14.27 25.60 -38.13
N ARG A 123 -15.35 24.81 -38.20
CA ARG A 123 -16.49 25.00 -37.29
C ARG A 123 -16.02 24.84 -35.84
N ALA A 124 -15.23 23.81 -35.51
CA ALA A 124 -14.70 23.61 -34.15
C ALA A 124 -13.95 24.85 -33.68
N ASP A 125 -13.07 25.35 -34.54
CA ASP A 125 -12.12 26.43 -34.27
C ASP A 125 -12.90 27.70 -33.93
N ASP A 126 -14.08 27.97 -34.50
CA ASP A 126 -14.79 29.21 -34.10
C ASP A 126 -15.99 28.91 -33.18
N MET A 127 -16.01 27.82 -32.42
CA MET A 127 -16.96 27.72 -31.30
C MET A 127 -16.53 28.59 -30.08
N PHE A 128 -15.25 28.95 -29.93
CA PHE A 128 -14.73 29.67 -28.75
C PHE A 128 -13.72 30.73 -29.16
N PRO A 129 -14.21 31.84 -29.73
CA PRO A 129 -13.42 33.05 -30.05
C PRO A 129 -12.32 33.45 -29.08
N GLU A 130 -12.63 33.57 -27.77
CA GLU A 130 -11.63 34.03 -26.76
C GLU A 130 -10.51 33.00 -26.75
N LEU A 131 -10.83 31.70 -26.84
CA LEU A 131 -9.72 30.72 -26.75
C LEU A 131 -8.89 30.82 -28.03
N ARG A 132 -9.54 30.92 -29.18
CA ARG A 132 -8.84 30.89 -30.50
C ARG A 132 -7.82 32.02 -30.49
N ASP A 133 -8.23 33.21 -30.04
CA ASP A 133 -7.38 34.42 -30.01
C ASP A 133 -6.26 34.20 -28.97
N LEU A 134 -6.54 33.68 -27.76
CA LEU A 134 -5.47 33.35 -26.77
C LEU A 134 -4.43 32.40 -27.42
N CYS A 135 -4.88 31.37 -28.16
CA CYS A 135 -3.97 30.43 -28.88
C CYS A 135 -3.11 31.25 -29.84
N HIS A 136 -3.73 32.10 -30.65
CA HIS A 136 -2.99 32.88 -31.66
C HIS A 136 -1.97 33.77 -30.95
N ARG A 137 -2.30 34.34 -29.80
CA ARG A 137 -1.38 35.26 -29.07
C ARG A 137 -0.27 34.51 -28.33
N SER A 138 -0.48 33.26 -27.90
CA SER A 138 0.38 32.59 -26.89
C SER A 138 1.20 31.41 -27.47
N VAL A 139 0.64 30.63 -28.37
CA VAL A 139 1.27 29.35 -28.82
C VAL A 139 2.50 29.61 -29.73
N LEU A 140 3.52 28.78 -29.56
CA LEU A 140 4.73 28.79 -30.42
C LEU A 140 4.31 28.74 -31.89
N MET A 141 4.91 29.56 -32.76
CA MET A 141 4.64 29.56 -34.22
C MET A 141 4.62 28.12 -34.78
N VAL A 142 5.56 27.26 -34.42
CA VAL A 142 5.66 25.92 -35.05
C VAL A 142 4.36 25.14 -34.72
N PHE A 143 3.73 25.39 -33.57
CA PHE A 143 2.54 24.59 -33.18
C PHE A 143 1.25 25.25 -33.68
N MET A 144 1.40 26.33 -34.44
CA MET A 144 0.31 26.93 -35.22
C MET A 144 0.42 26.55 -36.68
N SER A 145 1.59 26.02 -37.09
CA SER A 145 1.95 25.89 -38.52
C SER A 145 1.04 24.84 -39.17
N ASP A 146 0.83 24.92 -40.47
CA ASP A 146 0.05 23.89 -41.19
C ASP A 146 0.69 22.52 -40.96
N GLU A 147 2.02 22.45 -40.84
CA GLU A 147 2.74 21.16 -40.80
C GLU A 147 2.65 20.57 -39.40
N TYR A 148 2.66 21.38 -38.34
CA TYR A 148 2.87 20.87 -36.97
C TYR A 148 1.75 21.26 -36.02
N ARG A 149 0.73 21.99 -36.45
CA ARG A 149 -0.38 22.33 -35.52
C ARG A 149 -1.02 21.04 -35.00
N ALA A 150 -1.20 20.05 -35.87
CA ALA A 150 -1.93 18.82 -35.45
C ALA A 150 -1.13 18.16 -34.30
N PHE A 151 0.19 18.14 -34.45
CA PHE A 151 1.08 17.58 -33.41
C PHE A 151 0.97 18.42 -32.13
N GLY A 152 1.04 19.75 -32.22
CA GLY A 152 0.84 20.61 -31.03
C GLY A 152 -0.46 20.24 -30.32
N ASP A 153 -1.54 20.07 -31.10
CA ASP A 153 -2.87 19.74 -30.51
C ASP A 153 -2.77 18.39 -29.78
N GLY A 154 -2.12 17.43 -30.43
CA GLY A 154 -1.90 16.11 -29.83
C GLY A 154 -1.12 16.20 -28.54
N LEU A 155 -0.09 17.03 -28.49
CA LEU A 155 0.70 17.18 -27.22
C LEU A 155 -0.22 17.80 -26.15
N PHE A 156 -0.99 18.82 -26.50
CA PHE A 156 -1.91 19.47 -25.55
C PHE A 156 -2.86 18.42 -24.99
N LEU A 157 -3.53 17.66 -25.89
CA LEU A 157 -4.57 16.70 -25.43
C LEU A 157 -3.91 15.63 -24.54
N ALA A 158 -2.66 15.24 -24.83
CA ALA A 158 -1.93 14.19 -24.06
C ALA A 158 -1.70 14.75 -22.66
N LEU A 159 -1.28 16.00 -22.57
CA LEU A 159 -1.01 16.59 -21.25
C LEU A 159 -2.35 16.77 -20.50
N ALA A 160 -3.41 17.16 -21.18
CA ALA A 160 -4.70 17.43 -20.51
C ALA A 160 -5.24 16.07 -20.01
N GLU A 161 -5.25 15.06 -20.88
CA GLU A 161 -5.79 13.74 -20.50
C GLU A 161 -4.97 13.15 -19.33
N THR A 162 -3.66 13.29 -19.35
CA THR A 162 -2.84 12.80 -18.23
C THR A 162 -3.22 13.53 -16.93
N THR A 163 -3.41 14.84 -17.01
CA THR A 163 -3.78 15.63 -15.82
C THR A 163 -5.10 15.10 -15.26
N MET A 164 -6.10 14.93 -16.11
CA MET A 164 -7.41 14.37 -15.68
C MET A 164 -7.23 12.98 -15.06
N ASP A 165 -6.43 12.11 -15.68
CA ASP A 165 -6.26 10.72 -15.18
C ASP A 165 -5.70 10.75 -13.75
N PHE A 166 -4.71 11.59 -13.47
CA PHE A 166 -4.04 11.63 -12.13
C PHE A 166 -4.97 12.27 -11.11
N ALA A 167 -5.66 13.33 -11.50
CA ALA A 167 -6.63 13.99 -10.62
C ALA A 167 -7.77 13.04 -10.25
N ALA A 168 -8.26 12.24 -11.21
CA ALA A 168 -9.38 11.32 -10.96
C ALA A 168 -8.91 10.19 -10.05
N ARG A 169 -7.70 9.71 -10.23
CA ARG A 169 -7.16 8.58 -9.42
C ARG A 169 -6.88 9.05 -7.98
N ASP A 170 -6.17 10.17 -7.83
CA ASP A 170 -5.67 10.61 -6.50
C ASP A 170 -6.32 11.94 -6.18
N PRO A 171 -7.61 11.93 -5.84
CA PRO A 171 -8.37 13.16 -5.69
C PRO A 171 -7.88 14.09 -4.56
N ALA A 172 -7.19 13.58 -3.53
CA ALA A 172 -6.56 14.40 -2.47
C ALA A 172 -5.57 15.41 -3.09
N ARG A 173 -4.97 15.18 -4.25
CA ARG A 173 -4.02 16.14 -4.84
C ARG A 173 -4.49 16.63 -6.21
N ALA A 174 -5.79 16.58 -6.47
CA ALA A 174 -6.27 16.92 -7.82
C ALA A 174 -5.85 18.36 -8.17
N GLY A 175 -6.01 19.30 -7.23
CA GLY A 175 -5.71 20.71 -7.47
C GLY A 175 -4.26 20.86 -7.86
N GLU A 176 -3.39 20.13 -7.18
CA GLU A 176 -1.93 20.20 -7.42
C GLU A 176 -1.62 19.63 -8.82
N TYR A 177 -2.25 18.51 -9.19
CA TYR A 177 -1.99 17.93 -10.52
C TYR A 177 -2.45 18.94 -11.57
N ILE A 178 -3.63 19.54 -11.40
CA ILE A 178 -4.20 20.53 -12.36
C ILE A 178 -3.21 21.69 -12.52
N ALA A 179 -2.70 22.27 -11.41
CA ALA A 179 -1.77 23.42 -11.47
C ALA A 179 -0.45 22.97 -12.15
N LEU A 180 0.12 21.84 -11.75
CA LEU A 180 1.41 21.37 -12.32
C LEU A 180 1.28 21.09 -13.80
N GLY A 181 0.20 20.40 -14.17
CA GLY A 181 -0.12 20.08 -15.56
C GLY A 181 -0.25 21.35 -16.39
N PHE A 182 -0.93 22.36 -15.89
CA PHE A 182 -1.07 23.65 -16.60
C PHE A 182 0.33 24.23 -16.87
N GLU A 183 1.13 24.31 -15.81
CA GLU A 183 2.45 24.98 -15.91
C GLU A 183 3.34 24.22 -16.89
N ALA A 184 3.34 22.90 -16.82
CA ALA A 184 4.12 22.03 -17.75
C ALA A 184 3.61 22.28 -19.19
N MET A 185 2.29 22.32 -19.38
CA MET A 185 1.71 22.54 -20.75
C MET A 185 2.12 23.94 -21.25
N TRP A 186 2.03 24.95 -20.39
CA TRP A 186 2.37 26.36 -20.74
C TRP A 186 3.84 26.43 -21.21
N ARG A 187 4.74 25.80 -20.46
CA ARG A 187 6.20 25.75 -20.84
C ARG A 187 6.37 25.00 -22.15
N ALA A 188 5.57 23.95 -22.37
CA ALA A 188 5.76 23.07 -23.55
C ALA A 188 5.33 23.81 -24.82
N LEU A 189 4.28 24.62 -24.76
CA LEU A 189 3.59 25.00 -26.01
C LEU A 189 3.62 26.50 -26.32
N THR A 190 4.09 27.35 -25.40
CA THR A 190 4.01 28.82 -25.58
C THR A 190 5.35 29.48 -25.84
N ARG A 191 5.24 30.68 -26.43
CA ARG A 191 6.39 31.57 -26.74
C ARG A 191 7.09 32.14 -25.50
N GLU A 192 8.41 32.34 -25.62
CA GLU A 192 9.29 33.34 -24.91
C GLU A 192 8.45 34.51 -24.36
N ASP B 9 10.70 -23.78 -24.28
CA ASP B 9 10.48 -22.41 -24.89
C ASP B 9 9.94 -21.40 -23.87
N LYS B 10 9.12 -21.87 -22.91
CA LYS B 10 7.73 -21.38 -22.59
C LYS B 10 7.65 -20.10 -21.73
N LYS B 11 8.68 -19.75 -20.97
CA LYS B 11 8.63 -18.53 -20.12
C LYS B 11 8.56 -17.32 -21.04
N GLN B 12 9.45 -17.30 -22.05
CA GLN B 12 9.44 -16.25 -23.10
C GLN B 12 8.06 -16.24 -23.73
N ALA B 13 7.48 -17.40 -24.05
CA ALA B 13 6.18 -17.48 -24.76
C ALA B 13 5.14 -16.76 -23.91
N LEU B 14 5.17 -16.98 -22.61
CA LEU B 14 4.21 -16.32 -21.69
C LEU B 14 4.46 -14.79 -21.67
N LEU B 15 5.71 -14.34 -21.67
CA LEU B 15 6.02 -12.88 -21.57
C LEU B 15 5.53 -12.14 -22.82
N GLU B 16 5.75 -12.73 -24.00
CA GLU B 16 5.35 -12.11 -25.31
C GLU B 16 3.83 -11.98 -25.37
N ALA B 17 3.08 -13.02 -24.98
CA ALA B 17 1.60 -13.00 -25.05
C ALA B 17 1.06 -11.99 -24.05
N ALA B 18 1.70 -11.88 -22.86
CA ALA B 18 1.31 -10.86 -21.86
C ALA B 18 1.58 -9.47 -22.44
N THR B 19 2.72 -9.30 -23.11
CA THR B 19 3.05 -8.04 -23.78
C THR B 19 1.86 -7.63 -24.68
N GLN B 20 1.50 -8.49 -25.60
CA GLN B 20 0.45 -8.12 -26.59
C GLN B 20 -0.87 -7.85 -25.87
N ALA B 21 -1.26 -8.69 -24.89
CA ALA B 21 -2.57 -8.58 -24.22
C ALA B 21 -2.65 -7.28 -23.41
N ILE B 22 -1.60 -6.98 -22.65
CA ILE B 22 -1.53 -5.73 -21.83
C ILE B 22 -1.43 -4.51 -22.77
N ALA B 23 -0.70 -4.58 -23.88
CA ALA B 23 -0.69 -3.47 -24.88
C ALA B 23 -2.13 -3.14 -25.29
N GLN B 24 -2.88 -4.20 -25.61
CA GLN B 24 -4.29 -4.08 -26.01
C GLN B 24 -5.23 -3.68 -24.85
N SER B 25 -5.13 -4.27 -23.64
CA SER B 25 -6.19 -4.16 -22.58
C SER B 25 -5.67 -3.54 -21.26
N GLY B 26 -4.39 -3.27 -21.14
CA GLY B 26 -3.79 -2.87 -19.85
C GLY B 26 -3.83 -4.05 -18.91
N ILE B 27 -3.64 -3.78 -17.63
CA ILE B 27 -3.54 -4.85 -16.58
C ILE B 27 -4.89 -5.58 -16.42
N ALA B 28 -5.99 -4.95 -16.80
CA ALA B 28 -7.31 -5.61 -16.94
C ALA B 28 -7.21 -6.81 -17.92
N ALA B 29 -6.06 -7.09 -18.55
CA ALA B 29 -5.91 -8.22 -19.53
C ALA B 29 -6.00 -9.59 -18.82
N SER B 30 -6.31 -10.68 -19.57
CA SER B 30 -6.76 -12.02 -19.05
C SER B 30 -5.65 -13.07 -19.01
N THR B 31 -5.39 -13.66 -17.83
CA THR B 31 -4.35 -14.73 -17.70
C THR B 31 -4.75 -15.94 -18.55
N ALA B 32 -6.04 -16.19 -18.70
CA ALA B 32 -6.54 -17.29 -19.55
C ALA B 32 -6.16 -17.00 -21.02
N VAL B 33 -6.47 -15.77 -21.45
CA VAL B 33 -6.14 -15.27 -22.83
C VAL B 33 -4.63 -15.33 -22.97
N ILE B 34 -3.89 -14.69 -22.05
CA ILE B 34 -2.42 -14.79 -22.09
C ILE B 34 -1.98 -16.26 -22.22
N ALA B 35 -2.32 -17.18 -21.29
CA ALA B 35 -1.78 -18.56 -21.28
C ALA B 35 -2.12 -19.25 -22.60
N ARG B 36 -3.37 -19.08 -23.04
CA ARG B 36 -3.90 -19.66 -24.32
C ARG B 36 -2.94 -19.17 -25.42
N ASN B 37 -2.82 -17.84 -25.60
CA ASN B 37 -2.08 -17.26 -26.74
C ASN B 37 -0.61 -17.74 -26.70
N ALA B 38 -0.10 -18.13 -25.52
CA ALA B 38 1.29 -18.63 -25.36
C ALA B 38 1.36 -20.14 -25.61
N GLY B 39 0.24 -20.76 -26.00
CA GLY B 39 0.14 -22.20 -26.26
C GLY B 39 0.46 -23.04 -25.02
N VAL B 40 -0.12 -22.70 -23.86
CA VAL B 40 0.04 -23.50 -22.59
C VAL B 40 -1.24 -23.33 -21.76
N ALA B 41 -1.43 -24.22 -20.79
CA ALA B 41 -2.56 -24.23 -19.82
C ALA B 41 -2.36 -23.07 -18.84
N GLU B 42 -3.44 -22.47 -18.36
CA GLU B 42 -3.39 -21.36 -17.40
C GLU B 42 -2.64 -21.72 -16.09
N GLY B 43 -2.83 -22.92 -15.54
CA GLY B 43 -2.14 -23.29 -14.29
C GLY B 43 -0.65 -23.28 -14.51
N THR B 44 -0.22 -23.50 -15.76
CA THR B 44 1.20 -23.46 -16.22
C THR B 44 1.74 -22.02 -16.17
N LEU B 45 0.93 -21.04 -16.56
CA LEU B 45 1.26 -19.60 -16.45
C LEU B 45 1.60 -19.34 -14.98
N PHE B 46 0.77 -19.85 -14.05
CA PHE B 46 0.92 -19.62 -12.59
C PHE B 46 2.09 -20.43 -11.98
N ARG B 47 2.60 -21.43 -12.67
CA ARG B 47 3.81 -22.13 -12.20
C ARG B 47 5.05 -21.29 -12.50
N TYR B 48 5.09 -20.65 -13.66
CA TYR B 48 6.18 -19.72 -14.06
C TYR B 48 6.09 -18.41 -13.27
N PHE B 49 4.88 -17.89 -13.06
CA PHE B 49 4.59 -16.62 -12.36
C PHE B 49 3.51 -16.87 -11.33
N ALA B 50 3.92 -16.98 -10.08
CA ALA B 50 3.05 -17.43 -8.96
C ALA B 50 1.77 -16.60 -8.92
N THR B 51 1.79 -15.30 -9.26
CA THR B 51 0.60 -14.41 -9.25
C THR B 51 0.58 -13.47 -10.47
N LYS B 52 -0.57 -12.83 -10.68
CA LYS B 52 -0.78 -11.86 -11.77
C LYS B 52 0.12 -10.65 -11.48
N ASP B 53 0.17 -10.18 -10.22
CA ASP B 53 1.02 -9.01 -9.83
C ASP B 53 2.50 -9.36 -10.11
N GLU B 54 2.90 -10.59 -9.84
CA GLU B 54 4.31 -11.00 -10.15
C GLU B 54 4.55 -11.08 -11.67
N LEU B 55 3.57 -11.55 -12.45
CA LEU B 55 3.68 -11.52 -13.93
C LEU B 55 3.84 -10.06 -14.37
N ILE B 56 3.03 -9.14 -13.83
CA ILE B 56 3.06 -7.68 -14.18
C ILE B 56 4.44 -7.09 -13.86
N ASN B 57 4.93 -7.35 -12.67
CA ASN B 57 6.26 -6.85 -12.25
C ASN B 57 7.34 -7.49 -13.14
N THR B 58 7.26 -8.79 -13.40
CA THR B 58 8.36 -9.48 -14.09
C THR B 58 8.39 -8.96 -15.53
N LEU B 59 7.22 -8.88 -16.15
CA LEU B 59 7.07 -8.41 -17.55
C LEU B 59 7.65 -6.99 -17.68
N TYR B 60 7.27 -6.09 -16.78
CA TYR B 60 7.80 -4.69 -16.75
C TYR B 60 9.34 -4.73 -16.76
N LEU B 61 9.97 -5.60 -15.94
CA LEU B 61 11.45 -5.65 -15.85
C LEU B 61 12.01 -6.10 -17.19
N HIS B 62 11.39 -7.11 -17.79
CA HIS B 62 11.89 -7.64 -19.08
C HIS B 62 11.82 -6.54 -20.12
N LEU B 63 10.68 -5.85 -20.22
CA LEU B 63 10.44 -4.82 -21.27
C LEU B 63 11.39 -3.65 -20.99
N LYS B 64 11.55 -3.25 -19.74
CA LYS B 64 12.43 -2.08 -19.45
C LYS B 64 13.88 -2.46 -19.80
N GLN B 65 14.28 -3.71 -19.55
CA GLN B 65 15.68 -4.12 -19.76
C GLN B 65 15.96 -4.07 -21.27
N ASP B 66 15.04 -4.55 -22.11
CA ASP B 66 15.18 -4.43 -23.59
C ASP B 66 15.30 -2.97 -24.03
N LEU B 67 14.42 -2.09 -23.58
CA LEU B 67 14.42 -0.63 -23.92
C LEU B 67 15.77 -0.03 -23.50
N CYS B 68 16.16 -0.25 -22.26
CA CYS B 68 17.45 0.21 -21.71
C CYS B 68 18.64 -0.28 -22.57
N GLN B 69 18.67 -1.57 -22.92
CA GLN B 69 19.76 -2.17 -23.72
C GLN B 69 19.86 -1.41 -25.04
N SER B 70 18.70 -1.14 -25.63
CA SER B 70 18.60 -0.45 -26.91
C SER B 70 19.12 0.99 -26.77
N MET B 71 18.76 1.69 -25.70
CA MET B 71 19.29 3.06 -25.50
C MET B 71 20.79 3.02 -25.22
N ILE B 72 21.25 2.11 -24.37
CA ILE B 72 22.65 2.10 -23.87
C ILE B 72 23.59 1.87 -25.05
N MET B 73 23.18 1.09 -26.04
CA MET B 73 24.10 0.74 -27.14
C MET B 73 24.31 1.95 -28.07
N GLU B 74 23.50 2.99 -27.96
CA GLU B 74 23.57 4.18 -28.82
C GLU B 74 24.21 5.36 -28.08
N LEU B 75 24.50 5.20 -26.80
CA LEU B 75 24.97 6.28 -25.90
C LEU B 75 26.38 6.69 -26.35
N ASP B 76 26.54 7.95 -26.76
CA ASP B 76 27.84 8.60 -27.06
C ASP B 76 28.33 9.21 -25.75
N ARG B 77 29.33 8.58 -25.10
CA ARG B 77 29.72 8.97 -23.72
C ARG B 77 30.50 10.27 -23.79
N SER B 78 30.98 10.66 -24.98
CA SER B 78 31.75 11.91 -25.17
C SER B 78 30.86 13.13 -24.82
N ILE B 79 29.53 13.09 -25.05
CA ILE B 79 28.62 14.27 -24.79
C ILE B 79 28.49 14.41 -23.28
N THR B 80 28.64 15.59 -22.69
CA THR B 80 28.38 15.75 -21.22
C THR B 80 27.35 16.85 -20.90
N ASP B 81 26.97 17.67 -21.88
CA ASP B 81 25.87 18.66 -21.74
C ASP B 81 24.60 17.90 -21.36
N ALA B 82 23.93 18.25 -20.27
CA ALA B 82 22.74 17.47 -19.83
C ALA B 82 21.67 17.49 -20.95
N LYS B 83 21.41 18.62 -21.61
CA LYS B 83 20.32 18.72 -22.60
C LYS B 83 20.66 17.83 -23.82
N MET B 84 21.87 17.93 -24.33
CA MET B 84 22.30 17.19 -25.53
C MET B 84 22.24 15.68 -25.20
N MET B 85 22.66 15.31 -24.00
CA MET B 85 22.68 13.88 -23.62
C MET B 85 21.23 13.37 -23.61
N THR B 86 20.32 14.19 -23.03
CA THR B 86 18.92 13.80 -22.84
C THR B 86 18.26 13.67 -24.22
N ARG B 87 18.59 14.60 -25.12
CA ARG B 87 18.08 14.60 -26.52
C ARG B 87 18.44 13.29 -27.23
N PHE B 88 19.69 12.89 -27.15
CA PHE B 88 20.17 11.69 -27.91
C PHE B 88 19.54 10.48 -27.26
N ILE B 89 19.36 10.49 -25.95
CA ILE B 89 18.63 9.36 -25.27
C ILE B 89 17.14 9.35 -25.67
N TRP B 90 16.47 10.50 -25.69
CA TRP B 90 15.07 10.59 -26.20
C TRP B 90 14.96 9.99 -27.62
N ASN B 91 15.90 10.36 -28.48
CA ASN B 91 15.90 9.83 -29.87
C ASN B 91 15.87 8.31 -29.83
N SER B 92 16.69 7.76 -28.98
CA SER B 92 16.83 6.30 -28.85
C SER B 92 15.54 5.71 -28.29
N TYR B 93 14.96 6.39 -27.32
CA TYR B 93 13.72 5.95 -26.63
C TYR B 93 12.58 5.85 -27.65
N ILE B 94 12.39 6.93 -28.45
CA ILE B 94 11.31 7.03 -29.46
C ILE B 94 11.57 5.98 -30.55
N SER B 95 12.83 5.81 -30.99
CA SER B 95 13.21 4.75 -31.94
C SER B 95 12.74 3.38 -31.45
N TRP B 96 12.99 3.07 -30.17
CA TRP B 96 12.63 1.73 -29.66
C TRP B 96 11.11 1.57 -29.72
N GLY B 97 10.40 2.62 -29.32
CA GLY B 97 8.93 2.64 -29.31
C GLY B 97 8.35 2.50 -30.70
N LEU B 98 8.94 3.17 -31.68
CA LEU B 98 8.55 2.98 -33.12
C LEU B 98 8.78 1.53 -33.55
N ASN B 99 9.88 0.89 -33.13
CA ASN B 99 10.19 -0.50 -33.52
C ASN B 99 9.34 -1.51 -32.74
N HIS B 100 8.90 -1.19 -31.52
CA HIS B 100 8.18 -2.16 -30.65
C HIS B 100 6.97 -1.44 -30.04
N PRO B 101 5.94 -1.07 -30.83
CA PRO B 101 4.79 -0.31 -30.34
C PRO B 101 3.96 -0.99 -29.25
N ALA B 102 3.77 -2.30 -29.35
CA ALA B 102 3.11 -3.07 -28.26
C ALA B 102 4.00 -3.09 -27.01
N ARG B 103 5.31 -3.28 -27.17
CA ARG B 103 6.20 -3.33 -25.99
C ARG B 103 6.11 -1.99 -25.27
N HIS B 104 6.16 -0.88 -26.02
CA HIS B 104 6.02 0.47 -25.37
C HIS B 104 4.61 0.63 -24.75
N ARG B 105 3.54 0.28 -25.43
CA ARG B 105 2.15 0.42 -24.89
C ARG B 105 2.02 -0.35 -23.56
N ALA B 106 2.63 -1.52 -23.48
CA ALA B 106 2.64 -2.35 -22.25
C ALA B 106 3.44 -1.63 -21.15
N ILE B 107 4.65 -1.13 -21.42
CA ILE B 107 5.44 -0.43 -20.37
C ILE B 107 4.56 0.71 -19.84
N ARG B 108 4.00 1.54 -20.72
CA ARG B 108 3.29 2.75 -20.26
C ARG B 108 2.10 2.36 -19.38
N GLN B 109 1.33 1.33 -19.75
CA GLN B 109 0.15 0.90 -18.95
C GLN B 109 0.55 0.31 -17.59
N LEU B 110 1.58 -0.52 -17.57
CA LEU B 110 2.12 -1.07 -16.30
C LEU B 110 2.68 0.08 -15.44
N ALA B 111 3.36 1.07 -16.05
CA ALA B 111 4.10 2.11 -15.27
C ALA B 111 3.11 2.92 -14.44
N VAL B 112 1.98 3.24 -15.06
CA VAL B 112 0.96 4.14 -14.46
C VAL B 112 -0.04 3.32 -13.63
N SER B 113 0.01 1.97 -13.66
CA SER B 113 -1.00 1.05 -13.03
C SER B 113 -0.96 1.05 -11.50
N GLU B 114 0.12 1.56 -10.89
CA GLU B 114 0.43 1.50 -9.42
C GLU B 114 0.41 0.06 -8.89
N LYS B 115 0.66 -0.92 -9.77
CA LYS B 115 0.74 -2.36 -9.43
C LYS B 115 2.21 -2.76 -9.41
N LEU B 116 3.10 -1.85 -9.82
CA LEU B 116 4.56 -2.09 -9.73
C LEU B 116 4.99 -1.87 -8.28
N THR B 117 5.84 -2.77 -7.78
CA THR B 117 6.44 -2.65 -6.43
C THR B 117 7.57 -1.64 -6.45
N LYS B 118 7.85 -1.11 -5.27
CA LYS B 118 8.98 -0.18 -5.02
C LYS B 118 10.28 -0.85 -5.47
N GLU B 119 10.47 -2.10 -5.12
CA GLU B 119 11.67 -2.88 -5.49
C GLU B 119 11.74 -2.90 -7.02
N THR B 120 10.63 -3.18 -7.71
CA THR B 120 10.65 -3.26 -9.19
C THR B 120 11.10 -1.93 -9.77
N GLU B 121 10.51 -0.82 -9.31
CA GLU B 121 10.81 0.53 -9.89
C GLU B 121 12.29 0.83 -9.69
N GLN B 122 12.86 0.51 -8.53
CA GLN B 122 14.32 0.75 -8.29
C GLN B 122 15.17 -0.15 -9.18
N ARG B 123 14.76 -1.40 -9.41
CA ARG B 123 15.60 -2.30 -10.23
C ARG B 123 15.58 -1.75 -11.66
N ALA B 124 14.43 -1.24 -12.10
CA ALA B 124 14.23 -0.67 -13.45
C ALA B 124 15.16 0.53 -13.60
N ASP B 125 15.18 1.41 -12.59
CA ASP B 125 15.99 2.67 -12.57
C ASP B 125 17.47 2.32 -12.66
N ASP B 126 17.87 1.21 -12.01
CA ASP B 126 19.30 0.79 -11.90
C ASP B 126 19.79 0.21 -13.22
N MET B 127 18.89 -0.15 -14.13
CA MET B 127 19.29 -0.63 -15.46
C MET B 127 19.98 0.47 -16.27
N PHE B 128 19.78 1.76 -15.94
CA PHE B 128 20.38 2.86 -16.76
C PHE B 128 20.79 4.01 -15.85
N PRO B 129 21.90 3.81 -15.10
CA PRO B 129 22.43 4.78 -14.12
C PRO B 129 22.61 6.20 -14.68
N GLU B 130 23.08 6.30 -15.92
CA GLU B 130 23.33 7.64 -16.55
C GLU B 130 22.01 8.40 -16.72
N LEU B 131 20.91 7.70 -17.05
CA LEU B 131 19.58 8.33 -17.21
C LEU B 131 19.07 8.74 -15.82
N ARG B 132 19.22 7.88 -14.80
CA ARG B 132 18.77 8.20 -13.42
C ARG B 132 19.52 9.44 -12.92
N ASP B 133 20.83 9.58 -13.21
CA ASP B 133 21.64 10.75 -12.77
C ASP B 133 21.21 11.98 -13.58
N LEU B 134 20.84 11.78 -14.84
CA LEU B 134 20.33 12.87 -15.71
C LEU B 134 19.04 13.44 -15.09
N CYS B 135 18.18 12.56 -14.61
CA CYS B 135 16.90 12.95 -13.97
C CYS B 135 17.27 13.83 -12.78
N HIS B 136 18.17 13.34 -11.93
CA HIS B 136 18.70 14.06 -10.73
C HIS B 136 19.26 15.42 -11.18
N ARG B 137 20.08 15.49 -12.21
CA ARG B 137 20.68 16.78 -12.64
C ARG B 137 19.61 17.74 -13.18
N SER B 138 18.56 17.26 -13.84
CA SER B 138 17.80 18.13 -14.79
C SER B 138 16.31 18.31 -14.45
N VAL B 139 15.63 17.30 -13.91
CA VAL B 139 14.14 17.33 -13.74
C VAL B 139 13.80 18.29 -12.60
N LEU B 140 12.76 19.08 -12.76
CA LEU B 140 12.24 19.98 -11.70
C LEU B 140 12.11 19.19 -10.40
N MET B 141 12.47 19.80 -9.29
CA MET B 141 12.47 19.05 -8.01
C MET B 141 11.06 18.57 -7.66
N VAL B 142 10.03 19.33 -8.02
CA VAL B 142 8.64 18.88 -7.71
C VAL B 142 8.37 17.52 -8.38
N PHE B 143 8.91 17.28 -9.58
CA PHE B 143 8.66 16.02 -10.32
C PHE B 143 9.58 14.87 -9.86
N MET B 144 10.52 15.14 -8.94
CA MET B 144 11.36 14.08 -8.35
C MET B 144 10.85 13.75 -6.94
N SER B 145 9.90 14.51 -6.41
CA SER B 145 9.25 14.26 -5.10
C SER B 145 8.46 12.95 -5.06
N ASP B 146 8.28 12.37 -3.88
CA ASP B 146 7.49 11.11 -3.75
C ASP B 146 6.06 11.34 -4.20
N GLU B 147 5.51 12.53 -3.93
CA GLU B 147 4.08 12.89 -4.21
C GLU B 147 3.83 13.05 -5.71
N TYR B 148 4.75 13.67 -6.47
CA TYR B 148 4.46 14.07 -7.87
C TYR B 148 5.35 13.37 -8.90
N ARG B 149 6.26 12.50 -8.49
CA ARG B 149 7.19 11.81 -9.44
C ARG B 149 6.39 11.00 -10.47
N ALA B 150 5.38 10.29 -9.99
CA ALA B 150 4.52 9.41 -10.83
C ALA B 150 3.82 10.28 -11.88
N PHE B 151 3.35 11.47 -11.47
CA PHE B 151 2.70 12.41 -12.41
C PHE B 151 3.72 12.87 -13.46
N GLY B 152 4.93 13.25 -13.00
CA GLY B 152 6.05 13.62 -13.89
C GLY B 152 6.29 12.53 -14.92
N ASP B 153 6.40 11.31 -14.44
CA ASP B 153 6.56 10.11 -15.29
C ASP B 153 5.37 10.00 -16.25
N GLY B 154 4.15 10.16 -15.75
CA GLY B 154 2.97 10.11 -16.65
C GLY B 154 3.04 11.16 -17.75
N LEU B 155 3.40 12.39 -17.40
CA LEU B 155 3.50 13.44 -18.43
C LEU B 155 4.58 13.05 -19.45
N PHE B 156 5.74 12.60 -18.98
CA PHE B 156 6.82 12.17 -19.89
C PHE B 156 6.25 11.12 -20.86
N LEU B 157 5.55 10.09 -20.31
CA LEU B 157 5.13 8.93 -21.13
C LEU B 157 4.10 9.41 -22.13
N ALA B 158 3.22 10.35 -21.75
CA ALA B 158 2.19 10.91 -22.66
C ALA B 158 2.87 11.59 -23.85
N LEU B 159 3.87 12.41 -23.54
CA LEU B 159 4.57 13.19 -24.59
C LEU B 159 5.32 12.24 -25.51
N ALA B 160 6.00 11.26 -24.95
CA ALA B 160 6.79 10.29 -25.72
C ALA B 160 5.82 9.47 -26.59
N GLU B 161 4.69 9.00 -26.05
CA GLU B 161 3.81 8.17 -26.89
C GLU B 161 3.18 9.03 -27.99
N THR B 162 2.84 10.28 -27.72
CA THR B 162 2.20 11.12 -28.76
C THR B 162 3.25 11.34 -29.87
N THR B 163 4.51 11.54 -29.49
CA THR B 163 5.61 11.68 -30.48
C THR B 163 5.70 10.41 -31.35
N MET B 164 5.67 9.24 -30.73
CA MET B 164 5.78 7.95 -31.45
C MET B 164 4.60 7.84 -32.43
N ASP B 165 3.42 8.24 -32.00
CA ASP B 165 2.17 8.06 -32.77
C ASP B 165 2.23 8.95 -34.03
N PHE B 166 2.62 10.20 -33.87
CA PHE B 166 2.68 11.13 -35.01
C PHE B 166 3.82 10.69 -35.94
N ALA B 167 4.91 10.22 -35.37
CA ALA B 167 6.09 9.84 -36.19
C ALA B 167 5.74 8.62 -37.03
N ALA B 168 5.01 7.67 -36.42
CA ALA B 168 4.73 6.36 -37.03
C ALA B 168 3.79 6.60 -38.21
N ARG B 169 2.90 7.58 -38.12
CA ARG B 169 1.86 7.79 -39.18
C ARG B 169 2.40 8.70 -40.30
N ASP B 170 3.45 9.49 -40.06
CA ASP B 170 4.00 10.42 -41.09
C ASP B 170 5.52 10.30 -41.07
N PRO B 171 6.08 9.19 -41.58
CA PRO B 171 7.52 8.93 -41.51
C PRO B 171 8.37 10.09 -42.08
N ALA B 172 7.82 10.84 -43.02
CA ALA B 172 8.55 11.87 -43.79
C ALA B 172 8.93 13.00 -42.85
N ARG B 173 8.08 13.23 -41.84
CA ARG B 173 8.31 14.30 -40.82
C ARG B 173 8.65 13.70 -39.46
N ALA B 174 8.92 12.39 -39.34
CA ALA B 174 9.24 11.73 -38.04
C ALA B 174 10.39 12.40 -37.29
N GLY B 175 11.51 12.72 -37.96
CA GLY B 175 12.67 13.38 -37.32
C GLY B 175 12.27 14.72 -36.74
N GLU B 176 11.36 15.44 -37.39
CA GLU B 176 10.93 16.76 -36.87
C GLU B 176 9.99 16.58 -35.68
N TYR B 177 9.04 15.64 -35.73
CA TYR B 177 8.15 15.42 -34.58
C TYR B 177 9.03 15.06 -33.38
N ILE B 178 10.05 14.23 -33.64
CA ILE B 178 10.93 13.73 -32.56
C ILE B 178 11.65 14.93 -31.94
N ALA B 179 12.14 15.85 -32.75
CA ALA B 179 12.87 17.08 -32.32
C ALA B 179 11.90 18.00 -31.56
N LEU B 180 10.71 18.23 -32.11
CA LEU B 180 9.71 19.16 -31.49
C LEU B 180 9.23 18.56 -30.15
N GLY B 181 8.94 17.25 -30.13
CA GLY B 181 8.50 16.57 -28.89
C GLY B 181 9.56 16.65 -27.79
N PHE B 182 10.82 16.36 -28.13
CA PHE B 182 11.92 16.50 -27.16
C PHE B 182 11.90 17.92 -26.54
N GLU B 183 11.85 18.97 -27.38
CA GLU B 183 11.98 20.38 -26.87
C GLU B 183 10.78 20.71 -25.99
N ALA B 184 9.62 20.23 -26.35
CA ALA B 184 8.39 20.41 -25.56
C ALA B 184 8.53 19.68 -24.22
N MET B 185 8.97 18.43 -24.21
CA MET B 185 9.12 17.64 -22.97
C MET B 185 10.19 18.32 -22.09
N TRP B 186 11.31 18.72 -22.69
CA TRP B 186 12.41 19.37 -21.92
C TRP B 186 11.87 20.64 -21.24
N ARG B 187 11.16 21.50 -21.97
CA ARG B 187 10.60 22.73 -21.29
C ARG B 187 9.58 22.33 -20.21
N ALA B 188 8.79 21.27 -20.44
CA ALA B 188 7.74 20.86 -19.48
C ALA B 188 8.35 20.36 -18.16
N LEU B 189 9.45 19.58 -18.20
CA LEU B 189 9.85 18.79 -17.03
C LEU B 189 11.14 19.28 -16.38
N THR B 190 11.85 20.23 -16.99
CA THR B 190 13.19 20.61 -16.47
C THR B 190 13.27 22.04 -15.93
N ARG B 191 14.34 22.18 -15.14
CA ARG B 191 14.72 23.29 -14.24
C ARG B 191 14.89 24.55 -15.06
N GLU B 192 14.22 25.60 -14.61
CA GLU B 192 13.84 26.80 -15.39
C GLU B 192 15.03 27.73 -15.58
N SER C 7 -0.80 12.83 43.20
CA SER C 7 -1.52 11.64 43.75
C SER C 7 -1.31 11.52 45.29
N GLU C 8 -1.23 12.67 46.00
CA GLU C 8 -1.29 12.74 47.49
C GLU C 8 -0.07 12.04 48.16
N ASP C 9 -0.27 11.10 49.13
CA ASP C 9 0.81 10.45 49.94
C ASP C 9 1.85 9.77 49.05
N LYS C 10 3.11 9.71 49.53
CA LYS C 10 4.35 9.57 48.72
C LYS C 10 4.45 8.12 48.22
N LYS C 11 3.97 7.17 49.01
CA LYS C 11 3.98 5.74 48.62
C LYS C 11 3.04 5.55 47.43
N GLN C 12 1.78 6.01 47.56
CA GLN C 12 0.76 6.06 46.48
C GLN C 12 1.32 6.74 45.24
N ALA C 13 2.06 7.84 45.40
CA ALA C 13 2.63 8.52 44.20
C ALA C 13 3.63 7.63 43.49
N LEU C 14 4.49 6.96 44.24
CA LEU C 14 5.58 6.11 43.69
C LEU C 14 4.90 4.93 42.95
N LEU C 15 3.86 4.37 43.53
CA LEU C 15 3.14 3.24 42.92
C LEU C 15 2.48 3.68 41.62
N GLU C 16 1.87 4.87 41.57
CA GLU C 16 1.25 5.45 40.34
C GLU C 16 2.36 5.69 39.29
N ALA C 17 3.49 6.28 39.72
CA ALA C 17 4.65 6.54 38.83
C ALA C 17 5.24 5.24 38.27
N ALA C 18 5.38 4.22 39.12
CA ALA C 18 5.95 2.90 38.75
C ALA C 18 5.01 2.22 37.73
N THR C 19 3.70 2.36 37.95
CA THR C 19 2.66 1.83 37.04
C THR C 19 2.92 2.39 35.65
N GLN C 20 3.04 3.72 35.55
CA GLN C 20 3.18 4.37 34.22
C GLN C 20 4.49 3.95 33.54
N ALA C 21 5.56 3.74 34.32
CA ALA C 21 6.92 3.52 33.77
C ALA C 21 7.05 2.06 33.31
N ILE C 22 6.50 1.12 34.09
CA ILE C 22 6.56 -0.34 33.78
C ILE C 22 5.60 -0.62 32.61
N ALA C 23 4.44 0.06 32.56
CA ALA C 23 3.52 -0.02 31.38
C ALA C 23 4.31 0.25 30.11
N GLN C 24 5.12 1.29 30.15
CA GLN C 24 5.91 1.68 28.97
C GLN C 24 7.12 0.76 28.75
N SER C 25 7.94 0.49 29.77
CA SER C 25 9.32 -0.07 29.62
C SER C 25 9.47 -1.49 30.17
N GLY C 26 8.43 -2.08 30.74
CA GLY C 26 8.55 -3.36 31.46
C GLY C 26 9.33 -3.17 32.75
N ILE C 27 9.72 -4.29 33.35
CA ILE C 27 10.40 -4.26 34.67
C ILE C 27 11.81 -3.68 34.48
N ALA C 28 12.26 -3.53 33.23
CA ALA C 28 13.44 -2.75 32.79
C ALA C 28 13.30 -1.27 33.20
N ALA C 29 12.11 -0.78 33.54
CA ALA C 29 11.90 0.61 34.01
C ALA C 29 12.97 0.95 35.04
N SER C 30 13.69 2.07 34.86
CA SER C 30 14.72 2.53 35.83
C SER C 30 14.02 3.16 37.04
N THR C 31 14.57 2.91 38.23
CA THR C 31 14.06 3.46 39.50
C THR C 31 14.23 4.98 39.52
N ALA C 32 15.29 5.48 38.89
CA ALA C 32 15.58 6.93 38.80
C ALA C 32 14.35 7.65 38.20
N VAL C 33 13.94 7.17 37.03
CA VAL C 33 12.82 7.75 36.23
C VAL C 33 11.56 7.69 37.11
N ILE C 34 11.30 6.56 37.77
CA ILE C 34 10.05 6.41 38.56
C ILE C 34 9.96 7.53 39.61
N ALA C 35 11.04 7.76 40.37
CA ALA C 35 11.02 8.66 41.55
C ALA C 35 10.84 10.11 41.08
N ARG C 36 11.59 10.55 40.05
CA ARG C 36 11.38 11.83 39.28
C ARG C 36 9.88 12.10 39.05
N ASN C 37 9.19 11.23 38.33
CA ASN C 37 7.82 11.44 37.85
C ASN C 37 6.87 11.55 39.05
N ALA C 38 7.19 10.88 40.15
CA ALA C 38 6.34 10.89 41.36
C ALA C 38 6.54 12.21 42.10
N GLY C 39 7.65 12.88 41.78
CA GLY C 39 8.07 14.10 42.50
C GLY C 39 8.82 13.79 43.79
N VAL C 40 9.60 12.69 43.83
CA VAL C 40 10.50 12.31 44.98
C VAL C 40 11.85 11.78 44.48
N ALA C 41 12.87 11.83 45.35
CA ALA C 41 14.26 11.42 45.04
C ALA C 41 14.42 9.89 44.95
N GLU C 42 15.35 9.39 44.11
CA GLU C 42 15.62 7.93 43.96
C GLU C 42 15.93 7.32 45.32
N GLY C 43 16.62 8.04 46.19
CA GLY C 43 16.97 7.52 47.52
C GLY C 43 15.72 7.28 48.38
N THR C 44 14.73 8.22 48.34
CA THR C 44 13.40 8.08 49.01
C THR C 44 12.64 6.87 48.41
N LEU C 45 12.73 6.64 47.09
CA LEU C 45 12.12 5.41 46.51
C LEU C 45 12.63 4.17 47.26
N PHE C 46 13.97 4.09 47.39
CA PHE C 46 14.67 2.97 48.05
C PHE C 46 14.40 3.02 49.56
N ARG C 47 13.94 4.13 50.15
CA ARG C 47 13.56 4.04 51.60
C ARG C 47 12.19 3.33 51.73
N TYR C 48 11.31 3.41 50.73
CA TYR C 48 9.98 2.77 50.82
C TYR C 48 10.10 1.30 50.43
N PHE C 49 10.95 1.04 49.45
CA PHE C 49 11.17 -0.28 48.82
C PHE C 49 12.67 -0.48 48.76
N ALA C 50 13.23 -1.35 49.62
CA ALA C 50 14.69 -1.48 49.81
C ALA C 50 15.29 -2.03 48.52
N THR C 51 14.52 -2.76 47.71
CA THR C 51 14.95 -3.36 46.42
C THR C 51 13.90 -3.07 45.35
N LYS C 52 14.34 -3.07 44.10
CA LYS C 52 13.44 -3.05 42.93
C LYS C 52 12.40 -4.20 43.05
N ASP C 53 12.83 -5.36 43.54
CA ASP C 53 11.94 -6.53 43.73
C ASP C 53 10.81 -6.22 44.72
N GLU C 54 11.06 -5.57 45.86
CA GLU C 54 9.96 -5.19 46.80
C GLU C 54 8.95 -4.23 46.15
N LEU C 55 9.41 -3.31 45.30
CA LEU C 55 8.50 -2.38 44.59
C LEU C 55 7.66 -3.22 43.61
N ILE C 56 8.29 -4.15 42.92
CA ILE C 56 7.59 -5.02 41.91
C ILE C 56 6.48 -5.78 42.62
N ASN C 57 6.81 -6.41 43.76
CA ASN C 57 5.83 -7.24 44.50
C ASN C 57 4.70 -6.37 45.05
N THR C 58 5.00 -5.26 45.70
CA THR C 58 3.97 -4.39 46.28
C THR C 58 3.07 -3.85 45.17
N LEU C 59 3.67 -3.38 44.08
CA LEU C 59 2.93 -2.76 42.95
C LEU C 59 1.97 -3.82 42.39
N TYR C 60 2.48 -5.04 42.17
CA TYR C 60 1.63 -6.14 41.65
C TYR C 60 0.42 -6.34 42.57
N LEU C 61 0.63 -6.40 43.88
CA LEU C 61 -0.53 -6.68 44.78
C LEU C 61 -1.54 -5.52 44.77
N HIS C 62 -1.07 -4.30 44.70
CA HIS C 62 -1.91 -3.08 44.62
C HIS C 62 -2.79 -3.15 43.35
N LEU C 63 -2.17 -3.43 42.20
CA LEU C 63 -2.87 -3.44 40.90
C LEU C 63 -3.89 -4.60 40.90
N LYS C 64 -3.47 -5.79 41.32
CA LYS C 64 -4.35 -6.97 41.41
C LYS C 64 -5.54 -6.65 42.31
N GLN C 65 -5.33 -6.08 43.47
CA GLN C 65 -6.44 -5.76 44.42
C GLN C 65 -7.44 -4.84 43.71
N ASP C 66 -6.95 -3.88 42.94
CA ASP C 66 -7.81 -2.89 42.25
C ASP C 66 -8.68 -3.57 41.18
N LEU C 67 -8.05 -4.38 40.34
CA LEU C 67 -8.71 -5.18 39.27
C LEU C 67 -9.71 -6.14 39.94
N CYS C 68 -9.29 -6.80 41.00
CA CYS C 68 -10.18 -7.77 41.66
C CYS C 68 -11.37 -7.05 42.28
N GLN C 69 -11.17 -5.88 42.91
CA GLN C 69 -12.29 -5.08 43.46
C GLN C 69 -13.30 -4.85 42.33
N SER C 70 -12.82 -4.41 41.18
CA SER C 70 -13.66 -3.99 40.04
C SER C 70 -14.44 -5.22 39.57
N MET C 71 -13.82 -6.38 39.47
CA MET C 71 -14.55 -7.60 39.00
C MET C 71 -15.57 -8.05 40.07
N ILE C 72 -15.21 -8.01 41.34
CA ILE C 72 -16.11 -8.45 42.45
C ILE C 72 -17.35 -7.55 42.51
N MET C 73 -17.17 -6.26 42.37
CA MET C 73 -18.30 -5.29 42.42
C MET C 73 -19.27 -5.58 41.28
N GLU C 74 -18.76 -6.02 40.12
CA GLU C 74 -19.59 -6.30 38.93
C GLU C 74 -20.16 -7.72 38.91
N LEU C 75 -19.78 -8.60 39.82
CA LEU C 75 -20.17 -10.03 39.70
C LEU C 75 -21.69 -10.16 39.84
N ASP C 76 -22.35 -10.81 38.88
CA ASP C 76 -23.81 -11.08 38.94
C ASP C 76 -24.00 -12.53 39.33
N ARG C 77 -24.43 -12.78 40.57
CA ARG C 77 -24.56 -14.16 41.13
C ARG C 77 -25.77 -14.89 40.58
N SER C 78 -26.55 -14.21 39.73
CA SER C 78 -27.70 -14.85 39.08
C SER C 78 -27.16 -15.69 37.93
N ILE C 79 -25.91 -15.48 37.55
CA ILE C 79 -25.34 -16.25 36.39
C ILE C 79 -24.82 -17.61 36.85
N THR C 80 -25.59 -18.65 36.61
CA THR C 80 -25.31 -19.97 37.23
C THR C 80 -24.60 -20.91 36.25
N ASP C 81 -24.50 -20.50 34.97
CA ASP C 81 -23.74 -21.26 33.95
C ASP C 81 -22.26 -20.91 34.05
N ALA C 82 -21.39 -21.91 34.18
CA ALA C 82 -19.94 -21.69 34.43
C ALA C 82 -19.35 -20.86 33.28
N LYS C 83 -19.62 -21.24 32.05
CA LYS C 83 -19.05 -20.50 30.89
C LYS C 83 -19.56 -19.05 30.88
N MET C 84 -20.87 -18.88 31.07
CA MET C 84 -21.48 -17.54 30.98
C MET C 84 -20.86 -16.66 32.08
N MET C 85 -20.73 -17.21 33.27
CA MET C 85 -20.16 -16.46 34.37
C MET C 85 -18.70 -16.07 34.05
N THR C 86 -17.91 -16.98 33.47
CA THR C 86 -16.52 -16.71 33.03
C THR C 86 -16.60 -15.60 31.99
N ARG C 87 -17.59 -15.64 31.09
CA ARG C 87 -17.69 -14.58 30.07
C ARG C 87 -17.94 -13.23 30.74
N PHE C 88 -18.86 -13.15 31.68
CA PHE C 88 -19.20 -11.86 32.37
C PHE C 88 -17.94 -11.36 33.09
N ILE C 89 -17.21 -12.25 33.73
CA ILE C 89 -15.97 -11.80 34.44
C ILE C 89 -14.95 -11.30 33.40
N TRP C 90 -14.80 -12.00 32.25
CA TRP C 90 -13.95 -11.54 31.12
C TRP C 90 -14.38 -10.12 30.72
N ASN C 91 -15.65 -9.88 30.58
CA ASN C 91 -16.14 -8.54 30.15
C ASN C 91 -15.62 -7.49 31.17
N SER C 92 -15.75 -7.79 32.45
CA SER C 92 -15.31 -6.94 33.60
C SER C 92 -13.79 -6.72 33.52
N TYR C 93 -13.04 -7.75 33.23
CA TYR C 93 -11.56 -7.71 33.14
C TYR C 93 -11.15 -6.79 31.99
N ILE C 94 -11.74 -7.04 30.85
CA ILE C 94 -11.41 -6.25 29.63
C ILE C 94 -11.81 -4.81 29.89
N SER C 95 -12.97 -4.63 30.50
CA SER C 95 -13.48 -3.27 30.77
C SER C 95 -12.45 -2.53 31.66
N TRP C 96 -11.96 -3.18 32.69
CA TRP C 96 -10.97 -2.57 33.64
C TRP C 96 -9.72 -2.20 32.85
N GLY C 97 -9.26 -3.07 31.95
CA GLY C 97 -8.07 -2.76 31.14
C GLY C 97 -8.32 -1.62 30.17
N LEU C 98 -9.53 -1.49 29.60
CA LEU C 98 -9.83 -0.36 28.69
C LEU C 98 -9.88 0.95 29.47
N ASN C 99 -10.35 0.86 30.70
CA ASN C 99 -10.46 2.02 31.62
C ASN C 99 -9.09 2.39 32.18
N HIS C 100 -8.18 1.44 32.33
CA HIS C 100 -6.84 1.66 32.94
C HIS C 100 -5.75 0.97 32.13
N PRO C 101 -5.45 1.43 30.90
CA PRO C 101 -4.50 0.74 30.03
C PRO C 101 -3.12 0.53 30.63
N ALA C 102 -2.60 1.54 31.31
CA ALA C 102 -1.29 1.45 31.99
C ALA C 102 -1.37 0.41 33.11
N ARG C 103 -2.43 0.43 33.93
CA ARG C 103 -2.50 -0.54 35.03
C ARG C 103 -2.49 -1.95 34.46
N HIS C 104 -3.23 -2.27 33.39
CA HIS C 104 -3.18 -3.66 32.84
C HIS C 104 -1.81 -3.95 32.21
N ARG C 105 -1.19 -3.00 31.50
CA ARG C 105 0.14 -3.26 30.89
C ARG C 105 1.15 -3.54 31.99
N ALA C 106 1.06 -2.79 33.08
CA ALA C 106 1.94 -3.01 34.25
C ALA C 106 1.64 -4.40 34.85
N ILE C 107 0.38 -4.75 35.10
CA ILE C 107 0.01 -6.06 35.71
C ILE C 107 0.61 -7.17 34.86
N ARG C 108 0.50 -7.05 33.55
CA ARG C 108 0.95 -8.15 32.68
C ARG C 108 2.48 -8.31 32.78
N GLN C 109 3.22 -7.20 32.76
CA GLN C 109 4.71 -7.25 32.79
C GLN C 109 5.20 -7.80 34.15
N LEU C 110 4.53 -7.42 35.23
CA LEU C 110 4.90 -7.85 36.61
C LEU C 110 4.57 -9.34 36.76
N ALA C 111 3.42 -9.78 36.24
CA ALA C 111 2.94 -11.17 36.42
C ALA C 111 3.91 -12.17 35.78
N VAL C 112 4.50 -11.83 34.64
CA VAL C 112 5.43 -12.75 33.90
C VAL C 112 6.87 -12.46 34.29
N SER C 113 7.11 -11.66 35.33
CA SER C 113 8.47 -11.15 35.70
C SER C 113 9.38 -12.20 36.35
N GLU C 114 8.85 -13.30 36.88
CA GLU C 114 9.61 -14.27 37.73
C GLU C 114 10.22 -13.54 38.95
N LYS C 115 9.86 -12.28 39.18
CA LYS C 115 10.35 -11.52 40.37
C LYS C 115 9.31 -11.60 41.50
N LEU C 116 8.16 -12.26 41.29
CA LEU C 116 7.09 -12.31 42.33
C LEU C 116 7.42 -13.41 43.35
N THR C 117 7.32 -13.13 44.64
CA THR C 117 7.59 -14.14 45.71
C THR C 117 6.40 -15.13 45.78
N LYS C 118 6.60 -16.29 46.42
CA LYS C 118 5.55 -17.33 46.54
C LYS C 118 4.43 -16.75 47.38
N GLU C 119 4.80 -15.92 48.36
CA GLU C 119 3.82 -15.26 49.25
C GLU C 119 2.95 -14.28 48.42
N THR C 120 3.58 -13.51 47.53
CA THR C 120 2.88 -12.52 46.66
C THR C 120 1.87 -13.29 45.82
N GLU C 121 2.29 -14.40 45.20
CA GLU C 121 1.40 -15.17 44.28
C GLU C 121 0.22 -15.72 45.09
N GLN C 122 0.43 -16.14 46.32
CA GLN C 122 -0.66 -16.69 47.20
C GLN C 122 -1.67 -15.58 47.55
N ARG C 123 -1.20 -14.41 48.04
CA ARG C 123 -2.04 -13.26 48.40
C ARG C 123 -2.87 -12.86 47.17
N ALA C 124 -2.29 -12.78 45.98
CA ALA C 124 -3.03 -12.43 44.73
C ALA C 124 -4.11 -13.50 44.41
N ASP C 125 -3.76 -14.79 44.50
CA ASP C 125 -4.67 -15.93 44.21
C ASP C 125 -5.88 -15.92 45.17
N ASP C 126 -5.77 -15.33 46.37
CA ASP C 126 -6.82 -15.30 47.43
C ASP C 126 -7.67 -14.03 47.33
N MET C 127 -7.35 -13.06 46.46
CA MET C 127 -8.21 -11.87 46.36
C MET C 127 -9.58 -12.16 45.71
N PHE C 128 -9.78 -13.24 44.97
CA PHE C 128 -11.07 -13.46 44.25
C PHE C 128 -11.40 -14.95 44.21
N PRO C 129 -11.86 -15.51 45.35
CA PRO C 129 -12.30 -16.89 45.47
C PRO C 129 -13.18 -17.48 44.36
N GLU C 130 -14.19 -16.75 43.87
CA GLU C 130 -15.10 -17.29 42.84
C GLU C 130 -14.26 -17.48 41.57
N LEU C 131 -13.34 -16.56 41.26
CA LEU C 131 -12.53 -16.72 40.02
C LEU C 131 -11.64 -17.94 40.21
N ARG C 132 -10.98 -18.03 41.36
CA ARG C 132 -9.98 -19.08 41.63
C ARG C 132 -10.67 -20.43 41.47
N ASP C 133 -11.86 -20.58 42.01
CA ASP C 133 -12.57 -21.87 41.97
C ASP C 133 -13.10 -22.09 40.51
N LEU C 134 -13.50 -21.07 39.73
CA LEU C 134 -13.82 -21.24 38.26
C LEU C 134 -12.57 -21.73 37.52
N CYS C 135 -11.39 -21.19 37.85
CA CYS C 135 -10.12 -21.66 37.26
C CYS C 135 -9.96 -23.13 37.58
N HIS C 136 -10.06 -23.47 38.85
CA HIS C 136 -9.88 -24.88 39.29
C HIS C 136 -10.82 -25.80 38.51
N ARG C 137 -12.06 -25.40 38.27
CA ARG C 137 -13.09 -26.26 37.62
C ARG C 137 -12.96 -26.30 36.09
N SER C 138 -12.39 -25.28 35.46
CA SER C 138 -12.42 -25.13 33.97
C SER C 138 -11.06 -25.33 33.28
N VAL C 139 -9.97 -24.89 33.89
CA VAL C 139 -8.69 -24.72 33.15
C VAL C 139 -8.09 -26.13 32.93
N LEU C 140 -7.49 -26.34 31.78
CA LEU C 140 -6.76 -27.59 31.46
C LEU C 140 -5.77 -27.90 32.60
N MET C 141 -5.61 -29.18 32.90
CA MET C 141 -4.72 -29.61 33.98
C MET C 141 -3.34 -29.01 33.75
N VAL C 142 -2.85 -29.05 32.53
CA VAL C 142 -1.42 -28.67 32.29
C VAL C 142 -1.22 -27.18 32.66
N PHE C 143 -2.27 -26.35 32.51
CA PHE C 143 -2.16 -24.89 32.76
C PHE C 143 -2.49 -24.61 34.22
N MET C 144 -2.75 -25.63 35.03
CA MET C 144 -2.81 -25.49 36.52
C MET C 144 -1.55 -26.04 37.14
N SER C 145 -0.69 -26.70 36.36
CA SER C 145 0.47 -27.42 36.93
C SER C 145 1.56 -26.45 37.45
N ASP C 146 2.38 -26.94 38.36
CA ASP C 146 3.57 -26.19 38.87
C ASP C 146 4.47 -25.80 37.69
N GLU C 147 4.59 -26.68 36.69
CA GLU C 147 5.54 -26.57 35.57
C GLU C 147 4.98 -25.52 34.58
N TYR C 148 3.67 -25.48 34.29
CA TYR C 148 3.13 -24.72 33.12
C TYR C 148 2.04 -23.69 33.49
N ARG C 149 1.72 -23.52 34.76
CA ARG C 149 0.67 -22.55 35.14
C ARG C 149 1.15 -21.16 34.77
N ALA C 150 2.45 -20.86 34.93
CA ALA C 150 2.95 -19.49 34.62
C ALA C 150 2.74 -19.24 33.12
N PHE C 151 2.96 -20.25 32.30
CA PHE C 151 2.79 -20.13 30.82
C PHE C 151 1.31 -19.96 30.48
N GLY C 152 0.45 -20.75 31.11
CA GLY C 152 -1.00 -20.59 30.94
C GLY C 152 -1.41 -19.17 31.27
N ASP C 153 -0.94 -18.64 32.39
CA ASP C 153 -1.21 -17.23 32.79
C ASP C 153 -0.72 -16.25 31.69
N GLY C 154 0.46 -16.50 31.14
CA GLY C 154 1.05 -15.67 30.10
C GLY C 154 0.19 -15.71 28.84
N LEU C 155 -0.32 -16.87 28.49
CA LEU C 155 -1.22 -16.95 27.29
C LEU C 155 -2.53 -16.17 27.56
N PHE C 156 -3.12 -16.36 28.72
CA PHE C 156 -4.34 -15.63 29.10
C PHE C 156 -4.08 -14.14 28.94
N LEU C 157 -3.00 -13.64 29.56
CA LEU C 157 -2.78 -12.17 29.59
C LEU C 157 -2.51 -11.67 28.17
N ALA C 158 -1.85 -12.45 27.32
CA ALA C 158 -1.58 -12.06 25.91
C ALA C 158 -2.91 -11.93 25.19
N LEU C 159 -3.83 -12.87 25.41
CA LEU C 159 -5.14 -12.82 24.67
C LEU C 159 -5.97 -11.63 25.21
N ALA C 160 -5.94 -11.39 26.53
CA ALA C 160 -6.75 -10.29 27.14
C ALA C 160 -6.20 -8.95 26.63
N GLU C 161 -4.88 -8.81 26.67
CA GLU C 161 -4.26 -7.54 26.25
C GLU C 161 -4.54 -7.31 24.75
N THR C 162 -4.47 -8.34 23.93
CA THR C 162 -4.74 -8.18 22.47
C THR C 162 -6.18 -7.71 22.28
N THR C 163 -7.10 -8.31 23.02
CA THR C 163 -8.53 -7.98 22.98
C THR C 163 -8.70 -6.50 23.34
N MET C 164 -8.06 -6.09 24.42
CA MET C 164 -8.08 -4.66 24.87
C MET C 164 -7.56 -3.77 23.74
N ASP C 165 -6.41 -4.11 23.15
CA ASP C 165 -5.76 -3.25 22.12
C ASP C 165 -6.69 -3.05 20.92
N PHE C 166 -7.32 -4.12 20.44
CA PHE C 166 -8.19 -4.00 19.25
C PHE C 166 -9.46 -3.23 19.61
N ALA C 167 -10.01 -3.49 20.79
CA ALA C 167 -11.25 -2.81 21.17
C ALA C 167 -10.96 -1.30 21.34
N ALA C 168 -9.78 -0.93 21.84
CA ALA C 168 -9.48 0.48 22.09
C ALA C 168 -9.28 1.18 20.74
N ARG C 169 -8.69 0.51 19.77
CA ARG C 169 -8.29 1.22 18.53
C ARG C 169 -9.47 1.24 17.56
N ASP C 170 -10.40 0.30 17.67
CA ASP C 170 -11.54 0.16 16.74
C ASP C 170 -12.79 0.02 17.59
N PRO C 171 -13.18 1.08 18.32
CA PRO C 171 -14.26 0.96 19.28
C PRO C 171 -15.62 0.58 18.65
N ALA C 172 -15.86 0.85 17.36
CA ALA C 172 -17.16 0.55 16.72
C ALA C 172 -17.38 -0.96 16.72
N ARG C 173 -16.33 -1.77 16.91
CA ARG C 173 -16.39 -3.24 16.93
C ARG C 173 -15.96 -3.77 18.32
N ALA C 174 -15.85 -2.93 19.35
CA ALA C 174 -15.30 -3.35 20.65
C ALA C 174 -16.01 -4.62 21.14
N GLY C 175 -17.35 -4.65 21.16
CA GLY C 175 -18.07 -5.81 21.72
C GLY C 175 -17.78 -7.09 20.97
N GLU C 176 -17.58 -7.00 19.65
CA GLU C 176 -17.26 -8.20 18.85
C GLU C 176 -15.86 -8.72 19.21
N TYR C 177 -14.88 -7.85 19.32
CA TYR C 177 -13.52 -8.28 19.70
C TYR C 177 -13.58 -8.94 21.09
N ILE C 178 -14.33 -8.35 22.01
CA ILE C 178 -14.40 -8.89 23.39
C ILE C 178 -14.98 -10.31 23.34
N ALA C 179 -16.09 -10.50 22.64
CA ALA C 179 -16.76 -11.81 22.52
C ALA C 179 -15.82 -12.82 21.81
N LEU C 180 -15.27 -12.44 20.67
CA LEU C 180 -14.34 -13.36 19.93
C LEU C 180 -13.11 -13.69 20.76
N GLY C 181 -12.53 -12.70 21.43
CA GLY C 181 -11.35 -12.96 22.29
C GLY C 181 -11.72 -13.92 23.43
N PHE C 182 -12.86 -13.73 24.07
CA PHE C 182 -13.31 -14.66 25.13
C PHE C 182 -13.43 -16.08 24.58
N GLU C 183 -14.06 -16.24 23.44
CA GLU C 183 -14.30 -17.61 22.88
C GLU C 183 -12.95 -18.24 22.55
N ALA C 184 -12.04 -17.50 21.93
CA ALA C 184 -10.69 -18.02 21.59
C ALA C 184 -9.97 -18.42 22.89
N MET C 185 -10.04 -17.55 23.88
CA MET C 185 -9.35 -17.80 25.17
C MET C 185 -9.94 -19.08 25.81
N TRP C 186 -11.25 -19.20 25.81
CA TRP C 186 -11.96 -20.38 26.38
C TRP C 186 -11.50 -21.65 25.65
N ARG C 187 -11.48 -21.65 24.35
CA ARG C 187 -11.00 -22.84 23.58
C ARG C 187 -9.52 -23.13 23.91
N ALA C 188 -8.70 -22.08 24.09
CA ALA C 188 -7.25 -22.24 24.24
C ALA C 188 -6.95 -22.86 25.62
N LEU C 189 -7.70 -22.48 26.66
CA LEU C 189 -7.24 -22.77 28.03
C LEU C 189 -8.10 -23.79 28.79
N THR C 190 -9.27 -24.22 28.30
CA THR C 190 -10.19 -25.05 29.11
C THR C 190 -10.37 -26.48 28.59
N ARG C 191 -10.81 -27.32 29.51
CA ARG C 191 -11.01 -28.77 29.36
C ARG C 191 -12.18 -29.07 28.43
N GLU C 192 -12.13 -30.30 27.94
CA GLU C 192 -12.87 -30.94 26.80
C GLU C 192 -12.62 -30.08 25.55
N ASP D 9 23.21 -0.53 -0.33
CA ASP D 9 24.34 -1.09 0.52
C ASP D 9 24.31 -0.48 1.95
N LYS D 10 24.00 0.82 2.06
CA LYS D 10 23.60 1.51 3.32
C LYS D 10 22.15 1.09 3.62
N LYS D 11 21.44 0.55 2.62
CA LYS D 11 20.03 0.14 2.77
C LYS D 11 20.00 -0.96 3.85
N GLN D 12 20.97 -1.88 3.84
CA GLN D 12 20.91 -3.01 4.80
C GLN D 12 21.16 -2.45 6.21
N ALA D 13 22.08 -1.51 6.39
CA ALA D 13 22.33 -0.86 7.69
C ALA D 13 21.07 -0.13 8.18
N LEU D 14 20.36 0.58 7.29
CA LEU D 14 19.08 1.27 7.66
C LEU D 14 18.00 0.27 8.05
N LEU D 15 17.85 -0.84 7.34
CA LEU D 15 16.77 -1.79 7.67
C LEU D 15 17.09 -2.44 9.02
N GLU D 16 18.35 -2.77 9.29
CA GLU D 16 18.75 -3.35 10.60
C GLU D 16 18.47 -2.30 11.69
N ALA D 17 18.84 -1.04 11.48
CA ALA D 17 18.65 0.01 12.49
C ALA D 17 17.15 0.18 12.73
N ALA D 18 16.35 0.19 11.66
CA ALA D 18 14.89 0.34 11.79
C ALA D 18 14.35 -0.86 12.56
N THR D 19 14.87 -2.06 12.27
CA THR D 19 14.43 -3.29 12.97
C THR D 19 14.64 -3.07 14.47
N GLN D 20 15.86 -2.75 14.90
CA GLN D 20 16.15 -2.63 16.36
C GLN D 20 15.33 -1.50 17.01
N ALA D 21 15.10 -0.37 16.32
CA ALA D 21 14.38 0.78 16.94
C ALA D 21 12.90 0.46 17.11
N ILE D 22 12.30 -0.10 16.06
CA ILE D 22 10.87 -0.48 16.08
C ILE D 22 10.69 -1.63 17.09
N ALA D 23 11.61 -2.60 17.15
CA ALA D 23 11.51 -3.69 18.16
C ALA D 23 11.41 -3.01 19.54
N GLN D 24 12.24 -1.99 19.76
CA GLN D 24 12.32 -1.33 21.10
C GLN D 24 11.14 -0.37 21.35
N SER D 25 10.73 0.47 20.39
CA SER D 25 9.81 1.62 20.65
C SER D 25 8.54 1.57 19.80
N GLY D 26 8.36 0.59 18.91
CA GLY D 26 7.21 0.56 17.99
C GLY D 26 7.48 1.54 16.87
N ILE D 27 6.50 1.72 15.97
CA ILE D 27 6.65 2.63 14.80
C ILE D 27 6.84 4.07 15.28
N ALA D 28 6.56 4.34 16.56
CA ALA D 28 6.86 5.63 17.24
C ALA D 28 8.35 6.02 17.09
N ALA D 29 9.28 5.06 16.94
CA ALA D 29 10.72 5.28 16.68
C ALA D 29 10.95 6.35 15.60
N SER D 30 11.80 7.35 15.87
CA SER D 30 12.03 8.49 14.94
C SER D 30 12.96 8.07 13.80
N THR D 31 12.76 8.63 12.62
CA THR D 31 13.67 8.45 11.49
C THR D 31 15.06 8.97 11.88
N ALA D 32 15.12 10.04 12.68
CA ALA D 32 16.38 10.65 13.15
C ALA D 32 17.20 9.61 13.92
N VAL D 33 16.56 8.91 14.86
CA VAL D 33 17.26 7.87 15.66
C VAL D 33 17.69 6.75 14.72
N ILE D 34 16.79 6.35 13.83
CA ILE D 34 17.09 5.17 12.96
C ILE D 34 18.29 5.52 12.09
N ALA D 35 18.29 6.72 11.50
CA ALA D 35 19.39 7.16 10.62
C ALA D 35 20.68 7.19 11.45
N ARG D 36 20.64 7.79 12.66
CA ARG D 36 21.79 7.83 13.59
C ARG D 36 22.32 6.43 13.86
N ASN D 37 21.47 5.46 14.18
CA ASN D 37 21.92 4.09 14.57
C ASN D 37 22.49 3.34 13.36
N ALA D 38 22.13 3.70 12.13
CA ALA D 38 22.70 3.15 10.88
C ALA D 38 24.03 3.86 10.50
N GLY D 39 24.44 4.90 11.24
CA GLY D 39 25.61 5.72 10.91
C GLY D 39 25.46 6.50 9.59
N VAL D 40 24.28 7.02 9.26
CA VAL D 40 24.04 7.86 8.04
C VAL D 40 23.27 9.11 8.46
N ALA D 41 23.27 10.15 7.63
CA ALA D 41 22.44 11.37 7.77
C ALA D 41 20.95 11.02 7.68
N GLU D 42 20.08 11.71 8.41
CA GLU D 42 18.61 11.49 8.32
C GLU D 42 18.23 11.66 6.84
N GLY D 43 18.81 12.64 6.16
CA GLY D 43 18.59 12.85 4.72
C GLY D 43 18.82 11.58 3.90
N THR D 44 19.87 10.81 4.22
CA THR D 44 20.22 9.56 3.50
C THR D 44 19.11 8.49 3.63
N LEU D 45 18.43 8.43 4.78
CA LEU D 45 17.32 7.48 5.04
C LEU D 45 16.24 7.77 4.00
N PHE D 46 15.90 9.04 3.82
CA PHE D 46 14.86 9.44 2.85
C PHE D 46 15.34 9.32 1.39
N ARG D 47 16.64 9.26 1.08
CA ARG D 47 17.14 8.86 -0.28
C ARG D 47 16.76 7.40 -0.55
N TYR D 48 16.87 6.54 0.46
CA TYR D 48 16.61 5.09 0.30
C TYR D 48 15.12 4.81 0.44
N PHE D 49 14.41 5.47 1.36
CA PHE D 49 12.96 5.25 1.61
C PHE D 49 12.34 6.64 1.61
N ALA D 50 11.53 6.89 0.59
CA ALA D 50 10.93 8.20 0.27
C ALA D 50 10.12 8.73 1.45
N THR D 51 9.50 7.84 2.23
CA THR D 51 8.65 8.23 3.40
C THR D 51 8.85 7.22 4.52
N LYS D 52 8.44 7.60 5.72
CA LYS D 52 8.51 6.68 6.85
C LYS D 52 7.53 5.52 6.57
N ASP D 53 6.37 5.80 5.98
CA ASP D 53 5.37 4.76 5.65
C ASP D 53 6.02 3.80 4.66
N GLU D 54 6.81 4.28 3.68
CA GLU D 54 7.50 3.37 2.72
C GLU D 54 8.57 2.54 3.47
N LEU D 55 9.34 3.12 4.40
CA LEU D 55 10.28 2.32 5.23
C LEU D 55 9.52 1.21 5.97
N ILE D 56 8.39 1.55 6.61
CA ILE D 56 7.56 0.60 7.40
C ILE D 56 7.17 -0.58 6.50
N ASN D 57 6.65 -0.31 5.31
CA ASN D 57 6.18 -1.37 4.40
C ASN D 57 7.37 -2.22 3.91
N THR D 58 8.43 -1.58 3.47
CA THR D 58 9.60 -2.30 2.90
C THR D 58 10.20 -3.21 3.99
N LEU D 59 10.32 -2.67 5.20
CA LEU D 59 11.00 -3.36 6.32
C LEU D 59 10.15 -4.58 6.65
N TYR D 60 8.83 -4.40 6.62
CA TYR D 60 7.89 -5.50 6.94
C TYR D 60 8.09 -6.65 5.96
N LEU D 61 8.16 -6.33 4.67
CA LEU D 61 8.35 -7.36 3.62
C LEU D 61 9.71 -8.03 3.72
N HIS D 62 10.72 -7.26 4.12
CA HIS D 62 12.09 -7.77 4.27
C HIS D 62 12.10 -8.80 5.40
N LEU D 63 11.46 -8.48 6.53
CA LEU D 63 11.49 -9.37 7.70
C LEU D 63 10.60 -10.56 7.39
N LYS D 64 9.46 -10.32 6.76
CA LYS D 64 8.55 -11.45 6.43
C LYS D 64 9.25 -12.43 5.47
N GLN D 65 10.01 -11.95 4.49
CA GLN D 65 10.71 -12.85 3.52
C GLN D 65 11.76 -13.70 4.26
N ASP D 66 12.50 -13.09 5.20
CA ASP D 66 13.49 -13.80 6.02
C ASP D 66 12.79 -14.93 6.78
N LEU D 67 11.68 -14.62 7.44
CA LEU D 67 10.89 -15.58 8.23
C LEU D 67 10.37 -16.66 7.29
N CYS D 68 9.78 -16.27 6.17
CA CYS D 68 9.24 -17.25 5.22
C CYS D 68 10.35 -18.18 4.70
N GLN D 69 11.51 -17.65 4.31
CA GLN D 69 12.63 -18.49 3.82
C GLN D 69 12.99 -19.54 4.85
N SER D 70 13.05 -19.14 6.12
CA SER D 70 13.51 -20.03 7.21
C SER D 70 12.49 -21.17 7.32
N MET D 71 11.20 -20.81 7.25
CA MET D 71 10.09 -21.81 7.34
C MET D 71 10.08 -22.67 6.08
N ILE D 72 10.22 -22.08 4.90
CA ILE D 72 10.05 -22.88 3.67
C ILE D 72 11.19 -23.92 3.61
N MET D 73 12.37 -23.60 4.16
CA MET D 73 13.55 -24.49 3.96
C MET D 73 13.45 -25.73 4.88
N GLU D 74 12.54 -25.70 5.85
CA GLU D 74 12.29 -26.82 6.78
C GLU D 74 11.00 -27.58 6.43
N LEU D 75 10.26 -27.15 5.41
CA LEU D 75 8.93 -27.71 5.12
C LEU D 75 9.10 -29.13 4.56
N ASP D 76 8.56 -30.14 5.28
CA ASP D 76 8.45 -31.54 4.78
C ASP D 76 7.15 -31.65 3.99
N ARG D 77 7.21 -31.55 2.67
CA ARG D 77 6.03 -31.47 1.78
C ARG D 77 5.34 -32.83 1.75
N SER D 78 5.91 -33.85 2.39
CA SER D 78 5.33 -35.22 2.52
C SER D 78 4.12 -35.24 3.47
N ILE D 79 3.86 -34.16 4.22
CA ILE D 79 2.84 -34.14 5.33
C ILE D 79 1.57 -33.56 4.73
N THR D 80 0.49 -34.33 4.66
CA THR D 80 -0.80 -33.91 4.03
C THR D 80 -1.73 -33.30 5.07
N ASP D 81 -1.79 -33.90 6.25
CA ASP D 81 -2.69 -33.55 7.38
C ASP D 81 -2.56 -32.05 7.74
N ALA D 82 -3.67 -31.27 7.74
CA ALA D 82 -3.63 -29.82 8.02
C ALA D 82 -3.00 -29.57 9.41
N LYS D 83 -3.41 -30.29 10.46
CA LYS D 83 -2.94 -29.98 11.82
C LYS D 83 -1.43 -30.28 11.91
N MET D 84 -0.96 -31.38 11.34
CA MET D 84 0.48 -31.76 11.45
C MET D 84 1.32 -30.76 10.64
N MET D 85 0.83 -30.35 9.49
CA MET D 85 1.60 -29.40 8.64
C MET D 85 1.69 -28.08 9.41
N THR D 86 0.60 -27.63 10.01
CA THR D 86 0.57 -26.35 10.76
C THR D 86 1.52 -26.43 11.94
N ARG D 87 1.50 -27.56 12.70
CA ARG D 87 2.39 -27.75 13.87
C ARG D 87 3.87 -27.61 13.45
N PHE D 88 4.28 -28.20 12.34
CA PHE D 88 5.70 -28.18 11.93
C PHE D 88 6.06 -26.77 11.48
N ILE D 89 5.14 -26.10 10.82
CA ILE D 89 5.39 -24.68 10.43
C ILE D 89 5.45 -23.80 11.68
N TRP D 90 4.61 -24.06 12.69
CA TRP D 90 4.69 -23.34 13.99
C TRP D 90 6.08 -23.53 14.58
N ASN D 91 6.54 -24.78 14.61
CA ASN D 91 7.86 -25.11 15.21
C ASN D 91 8.91 -24.22 14.54
N SER D 92 8.87 -24.13 13.20
CA SER D 92 9.81 -23.30 12.39
C SER D 92 9.66 -21.81 12.75
N TYR D 93 8.43 -21.35 12.85
CA TYR D 93 8.09 -19.94 13.16
C TYR D 93 8.71 -19.57 14.52
N ILE D 94 8.47 -20.40 15.54
CA ILE D 94 8.98 -20.11 16.93
C ILE D 94 10.51 -20.14 16.94
N SER D 95 11.12 -21.12 16.27
CA SER D 95 12.59 -21.23 16.10
C SER D 95 13.13 -19.93 15.51
N TRP D 96 12.50 -19.41 14.45
CA TRP D 96 12.96 -18.13 13.85
C TRP D 96 12.90 -17.01 14.88
N GLY D 97 11.76 -16.89 15.57
CA GLY D 97 11.61 -15.88 16.62
C GLY D 97 12.64 -16.00 17.72
N LEU D 98 12.95 -17.22 18.13
CA LEU D 98 13.96 -17.46 19.20
C LEU D 98 15.33 -16.98 18.72
N ASN D 99 15.65 -17.21 17.44
CA ASN D 99 16.96 -16.82 16.87
C ASN D 99 17.01 -15.32 16.55
N HIS D 100 15.88 -14.66 16.31
CA HIS D 100 15.81 -13.24 15.89
C HIS D 100 14.72 -12.52 16.68
N PRO D 101 14.84 -12.38 18.02
CA PRO D 101 13.78 -11.75 18.82
C PRO D 101 13.43 -10.33 18.41
N ALA D 102 14.40 -9.52 18.03
CA ALA D 102 14.11 -8.12 17.61
C ALA D 102 13.38 -8.11 16.25
N ARG D 103 13.77 -8.99 15.32
CA ARG D 103 13.07 -9.15 14.02
C ARG D 103 11.60 -9.51 14.27
N HIS D 104 11.32 -10.46 15.18
CA HIS D 104 9.90 -10.83 15.43
C HIS D 104 9.15 -9.69 16.12
N ARG D 105 9.75 -9.00 17.08
CA ARG D 105 9.11 -7.85 17.79
C ARG D 105 8.77 -6.75 16.79
N ALA D 106 9.65 -6.49 15.82
CA ALA D 106 9.42 -5.51 14.75
C ALA D 106 8.25 -5.99 13.88
N ILE D 107 8.25 -7.25 13.44
CA ILE D 107 7.15 -7.77 12.56
C ILE D 107 5.84 -7.54 13.29
N ARG D 108 5.77 -7.93 14.55
CA ARG D 108 4.54 -7.80 15.33
C ARG D 108 4.11 -6.33 15.39
N GLN D 109 5.03 -5.42 15.75
CA GLN D 109 4.72 -3.97 15.86
C GLN D 109 4.20 -3.44 14.50
N LEU D 110 4.83 -3.82 13.40
CA LEU D 110 4.46 -3.36 12.03
C LEU D 110 3.10 -3.93 11.63
N ALA D 111 2.82 -5.20 11.96
CA ALA D 111 1.65 -5.96 11.43
C ALA D 111 0.36 -5.35 11.99
N VAL D 112 0.39 -4.88 13.23
CA VAL D 112 -0.83 -4.39 13.93
C VAL D 112 -0.80 -2.86 13.92
N SER D 113 0.05 -2.26 13.08
CA SER D 113 0.36 -0.80 13.01
C SER D 113 -0.69 0.01 12.24
N GLU D 114 -1.47 -0.68 11.39
CA GLU D 114 -2.37 -0.10 10.34
C GLU D 114 -1.67 0.90 9.43
N LYS D 115 -0.35 0.76 9.27
CA LYS D 115 0.45 1.58 8.30
C LYS D 115 0.79 0.71 7.08
N LEU D 116 0.54 -0.61 7.15
CA LEU D 116 0.79 -1.51 5.98
C LEU D 116 -0.30 -1.33 4.92
N THR D 117 0.10 -1.20 3.65
CA THR D 117 -0.82 -1.13 2.49
C THR D 117 -1.46 -2.50 2.26
N LYS D 118 -2.63 -2.54 1.64
CA LYS D 118 -3.27 -3.79 1.14
C LYS D 118 -2.28 -4.53 0.23
N GLU D 119 -1.56 -3.79 -0.62
CA GLU D 119 -0.56 -4.38 -1.52
C GLU D 119 0.49 -5.09 -0.66
N THR D 120 0.98 -4.49 0.41
CA THR D 120 2.03 -5.09 1.26
C THR D 120 1.46 -6.37 1.91
N GLU D 121 0.22 -6.31 2.40
CA GLU D 121 -0.40 -7.46 3.11
C GLU D 121 -0.54 -8.57 2.08
N GLN D 122 -0.98 -8.26 0.85
CA GLN D 122 -1.14 -9.26 -0.23
C GLN D 122 0.24 -9.84 -0.65
N ARG D 123 1.30 -9.06 -0.75
CA ARG D 123 2.60 -9.68 -1.13
C ARG D 123 3.10 -10.57 0.02
N ALA D 124 2.94 -10.14 1.26
CA ALA D 124 3.37 -10.91 2.44
C ALA D 124 2.67 -12.26 2.37
N ASP D 125 1.37 -12.23 2.07
CA ASP D 125 0.51 -13.43 1.98
C ASP D 125 1.03 -14.41 0.93
N ASP D 126 1.50 -13.86 -0.19
CA ASP D 126 1.94 -14.60 -1.42
C ASP D 126 3.34 -15.21 -1.19
N MET D 127 4.10 -14.77 -0.18
CA MET D 127 5.49 -15.26 0.04
C MET D 127 5.48 -16.74 0.47
N PHE D 128 4.38 -17.22 1.02
CA PHE D 128 4.34 -18.61 1.52
C PHE D 128 2.99 -19.21 1.15
N PRO D 129 2.84 -19.61 -0.12
CA PRO D 129 1.54 -20.08 -0.61
C PRO D 129 0.93 -21.23 0.21
N GLU D 130 1.75 -22.17 0.64
CA GLU D 130 1.32 -23.35 1.42
C GLU D 130 0.68 -22.91 2.73
N LEU D 131 1.28 -21.90 3.36
CA LEU D 131 0.73 -21.33 4.62
C LEU D 131 -0.62 -20.67 4.34
N ARG D 132 -0.68 -19.84 3.29
CA ARG D 132 -1.93 -19.18 2.84
C ARG D 132 -3.07 -20.21 2.68
N ASP D 133 -2.84 -21.27 1.90
CA ASP D 133 -3.83 -22.35 1.65
C ASP D 133 -4.19 -23.07 2.99
N LEU D 134 -3.24 -23.19 3.91
CA LEU D 134 -3.53 -23.79 5.25
C LEU D 134 -4.49 -22.89 6.00
N CYS D 135 -4.29 -21.58 5.94
CA CYS D 135 -5.19 -20.66 6.68
C CYS D 135 -6.61 -20.81 6.12
N HIS D 136 -6.75 -20.79 4.80
CA HIS D 136 -8.05 -20.94 4.12
C HIS D 136 -8.67 -22.28 4.51
N ARG D 137 -7.89 -23.35 4.63
CA ARG D 137 -8.41 -24.72 4.94
C ARG D 137 -8.85 -24.78 6.41
N SER D 138 -8.14 -24.12 7.33
CA SER D 138 -8.22 -24.47 8.77
C SER D 138 -8.75 -23.32 9.64
N VAL D 139 -8.48 -22.05 9.30
CA VAL D 139 -8.80 -20.93 10.24
C VAL D 139 -10.31 -20.71 10.26
N LEU D 140 -10.87 -20.44 11.44
CA LEU D 140 -12.31 -20.08 11.55
C LEU D 140 -12.61 -18.97 10.56
N MET D 141 -13.75 -19.03 9.88
CA MET D 141 -14.10 -18.09 8.79
C MET D 141 -14.16 -16.66 9.33
N VAL D 142 -14.59 -16.48 10.58
CA VAL D 142 -14.68 -15.12 11.18
C VAL D 142 -13.28 -14.51 11.17
N PHE D 143 -12.26 -15.34 11.41
CA PHE D 143 -10.85 -14.83 11.46
C PHE D 143 -10.21 -14.72 10.07
N MET D 144 -10.94 -15.03 8.99
CA MET D 144 -10.50 -14.79 7.60
C MET D 144 -11.29 -13.62 6.98
N SER D 145 -12.32 -13.11 7.65
CA SER D 145 -13.17 -11.98 7.17
C SER D 145 -12.39 -10.65 7.11
N ASP D 146 -12.84 -9.69 6.33
CA ASP D 146 -12.07 -8.42 6.23
C ASP D 146 -12.14 -7.68 7.56
N GLU D 147 -13.22 -7.86 8.28
CA GLU D 147 -13.43 -7.17 9.56
C GLU D 147 -12.51 -7.70 10.65
N TYR D 148 -12.34 -9.01 10.75
CA TYR D 148 -11.74 -9.64 11.96
C TYR D 148 -10.46 -10.39 11.64
N ARG D 149 -9.95 -10.30 10.41
CA ARG D 149 -8.73 -11.04 10.07
C ARG D 149 -7.55 -10.45 10.85
N ALA D 150 -7.44 -9.12 10.94
CA ALA D 150 -6.36 -8.43 11.67
C ALA D 150 -6.39 -8.84 13.16
N PHE D 151 -7.57 -8.99 13.76
CA PHE D 151 -7.70 -9.46 15.15
C PHE D 151 -7.19 -10.90 15.28
N GLY D 152 -7.59 -11.79 14.38
CA GLY D 152 -7.08 -13.18 14.44
C GLY D 152 -5.57 -13.24 14.27
N ASP D 153 -5.05 -12.44 13.38
CA ASP D 153 -3.57 -12.28 13.20
C ASP D 153 -2.95 -11.78 14.52
N GLY D 154 -3.54 -10.77 15.15
CA GLY D 154 -3.04 -10.26 16.44
C GLY D 154 -3.09 -11.32 17.53
N LEU D 155 -4.14 -12.12 17.61
CA LEU D 155 -4.20 -13.22 18.62
C LEU D 155 -3.08 -14.21 18.31
N PHE D 156 -2.94 -14.61 17.03
CA PHE D 156 -1.86 -15.54 16.67
C PHE D 156 -0.49 -14.99 17.13
N LEU D 157 -0.19 -13.72 16.77
CA LEU D 157 1.12 -13.08 17.08
C LEU D 157 1.29 -13.07 18.60
N ALA D 158 0.24 -12.77 19.36
CA ALA D 158 0.30 -12.74 20.85
C ALA D 158 0.70 -14.11 21.40
N LEU D 159 0.07 -15.17 20.89
CA LEU D 159 0.37 -16.55 21.34
C LEU D 159 1.78 -16.96 20.93
N ALA D 160 2.21 -16.66 19.70
CA ALA D 160 3.55 -17.02 19.22
C ALA D 160 4.59 -16.26 20.06
N GLU D 161 4.40 -14.95 20.28
CA GLU D 161 5.43 -14.19 21.00
C GLU D 161 5.50 -14.63 22.47
N THR D 162 4.37 -14.95 23.07
CA THR D 162 4.36 -15.47 24.44
C THR D 162 5.11 -16.80 24.52
N THR D 163 4.88 -17.69 23.58
CA THR D 163 5.62 -18.97 23.46
C THR D 163 7.13 -18.69 23.33
N MET D 164 7.54 -17.78 22.46
CA MET D 164 8.97 -17.46 22.28
C MET D 164 9.53 -16.96 23.62
N ASP D 165 8.79 -16.11 24.34
CA ASP D 165 9.31 -15.44 25.56
C ASP D 165 9.55 -16.49 26.63
N PHE D 166 8.60 -17.39 26.82
CA PHE D 166 8.72 -18.45 27.83
C PHE D 166 9.81 -19.44 27.43
N ALA D 167 9.90 -19.79 26.17
CA ALA D 167 10.91 -20.74 25.68
C ALA D 167 12.33 -20.16 25.86
N ALA D 168 12.51 -18.88 25.56
CA ALA D 168 13.82 -18.18 25.65
C ALA D 168 14.32 -18.28 27.09
N ARG D 169 13.42 -18.10 28.04
CA ARG D 169 13.83 -17.86 29.43
C ARG D 169 14.04 -19.21 30.13
N ASP D 170 13.40 -20.29 29.66
CA ASP D 170 13.56 -21.64 30.25
C ASP D 170 13.86 -22.65 29.14
N PRO D 171 15.06 -22.64 28.55
CA PRO D 171 15.40 -23.50 27.41
C PRO D 171 15.14 -25.00 27.62
N ALA D 172 15.24 -25.47 28.87
CA ALA D 172 15.10 -26.89 29.25
C ALA D 172 13.67 -27.38 28.95
N ARG D 173 12.71 -26.45 28.98
CA ARG D 173 11.29 -26.79 28.71
C ARG D 173 10.83 -26.14 27.42
N ALA D 174 11.70 -25.55 26.63
CA ALA D 174 11.28 -24.82 25.40
C ALA D 174 10.37 -25.70 24.51
N GLY D 175 10.77 -26.95 24.26
CA GLY D 175 10.02 -27.87 23.39
C GLY D 175 8.60 -28.01 23.88
N GLU D 176 8.41 -28.08 25.19
CA GLU D 176 7.07 -28.27 25.79
C GLU D 176 6.26 -26.97 25.72
N TYR D 177 6.84 -25.79 25.93
CA TYR D 177 6.09 -24.54 25.72
C TYR D 177 5.64 -24.46 24.26
N ILE D 178 6.50 -24.92 23.33
CA ILE D 178 6.25 -24.79 21.88
C ILE D 178 5.04 -25.69 21.56
N ALA D 179 5.02 -26.89 22.11
CA ALA D 179 3.92 -27.85 21.87
C ALA D 179 2.64 -27.33 22.53
N LEU D 180 2.68 -26.86 23.78
CA LEU D 180 1.45 -26.39 24.47
C LEU D 180 0.95 -25.11 23.80
N GLY D 181 1.86 -24.21 23.44
CA GLY D 181 1.40 -22.99 22.72
C GLY D 181 0.75 -23.33 21.36
N PHE D 182 1.34 -24.25 20.62
CA PHE D 182 0.73 -24.71 19.33
C PHE D 182 -0.70 -25.19 19.58
N GLU D 183 -0.89 -26.13 20.51
CA GLU D 183 -2.26 -26.70 20.74
C GLU D 183 -3.24 -25.62 21.20
N ALA D 184 -2.78 -24.65 21.99
CA ALA D 184 -3.63 -23.55 22.47
C ALA D 184 -4.07 -22.68 21.29
N MET D 185 -3.11 -22.35 20.43
CA MET D 185 -3.34 -21.49 19.25
C MET D 185 -4.30 -22.25 18.30
N TRP D 186 -4.02 -23.52 18.02
CA TRP D 186 -4.88 -24.32 17.12
C TRP D 186 -6.33 -24.29 17.65
N ARG D 187 -6.55 -24.56 18.93
CA ARG D 187 -7.94 -24.55 19.45
C ARG D 187 -8.52 -23.13 19.34
N ALA D 188 -7.69 -22.09 19.59
CA ALA D 188 -8.21 -20.70 19.59
C ALA D 188 -8.70 -20.29 18.18
N LEU D 189 -8.03 -20.72 17.11
CA LEU D 189 -8.16 -20.07 15.79
C LEU D 189 -8.76 -21.00 14.75
N THR D 190 -8.94 -22.28 15.05
CA THR D 190 -9.38 -23.24 14.00
C THR D 190 -10.76 -23.83 14.31
N ARG D 191 -11.33 -24.42 13.27
CA ARG D 191 -12.70 -24.98 13.21
C ARG D 191 -12.78 -26.20 14.12
C1 ET E . -7.62 23.13 -26.83
C2 ET E . -7.49 22.44 -28.01
C3 ET E . -6.36 22.64 -28.87
C4 ET E . -5.38 23.56 -28.47
N5 ET E . -4.53 25.17 -26.84
C6 ET E . -4.70 25.97 -25.74
C7 ET E . -5.69 26.27 -23.52
C8 ET E . -6.58 25.88 -22.54
C9 ET E . -7.58 24.95 -22.87
C10 ET E . -7.68 24.41 -24.14
C11 ET E . -5.71 25.67 -24.77
C12 ET E . -6.70 24.71 -25.09
C13 ET E . -6.64 24.05 -26.42
C14 ET E . -5.50 24.23 -27.21
C15 ET E . -3.70 26.97 -25.34
C16 ET E . -3.96 28.31 -25.48
C17 ET E . -3.02 29.23 -25.11
C18 ET E . -1.82 28.81 -24.59
C19 ET E . -1.56 27.48 -24.40
C20 ET E . -2.49 26.54 -24.79
C21 ET E . -3.36 25.39 -27.77
C22 ET E . -2.33 24.32 -27.69
N23 ET E . -6.28 22.00 -30.09
N24 ET E . -6.59 26.46 -21.28
S SO4 F . -19.15 10.42 -19.67
O1 SO4 F . -18.32 11.24 -20.45
O2 SO4 F . -19.96 11.26 -18.85
O3 SO4 F . -18.32 9.57 -18.86
O4 SO4 F . -20.05 9.60 -20.45
C1 ET G . 11.95 7.59 -18.79
C2 ET G . 11.12 7.13 -17.79
C3 ET G . 10.75 7.99 -16.71
C4 ET G . 11.22 9.30 -16.67
N5 ET G . 12.54 11.12 -17.61
C6 ET G . 13.44 11.57 -18.48
C7 ET G . 14.54 11.33 -20.72
C8 ET G . 14.74 10.59 -21.90
C9 ET G . 14.30 9.24 -21.97
C10 ET G . 13.60 8.71 -20.93
C11 ET G . 13.82 10.75 -19.67
C12 ET G . 13.35 9.45 -19.77
C13 ET G . 12.49 8.90 -18.71
C14 ET G . 12.08 9.78 -17.66
C15 ET G . 14.09 12.92 -18.40
C16 ET G . 15.37 12.99 -17.87
C17 ET G . 16.03 14.21 -17.87
C18 ET G . 15.43 15.35 -18.35
C19 ET G . 14.15 15.28 -18.84
C20 ET G . 13.50 14.06 -18.91
C21 ET G . 12.25 12.01 -16.45
C22 ET G . 10.86 12.56 -16.40
N23 ET G . 9.94 7.54 -15.70
N24 ET G . 15.45 11.09 -22.92
S SO4 H . 5.96 -5.09 -30.83
O1 SO4 H . 5.02 -4.44 -31.70
O2 SO4 H . 7.19 -5.32 -31.57
O3 SO4 H . 5.40 -6.34 -30.39
O4 SO4 H . 6.24 -4.25 -29.67
C1 ET I . -6.83 -14.01 35.41
C2 ET I . -5.54 -14.27 35.80
C3 ET I . -4.98 -15.59 35.65
C4 ET I . -5.76 -16.59 35.08
N5 ET I . -7.86 -17.39 34.15
C6 ET I . -9.17 -17.25 33.92
C7 ET I . -11.05 -15.72 33.46
C8 ET I . -11.59 -14.46 33.34
C9 ET I . -10.87 -13.37 33.84
C10 ET I . -9.58 -13.55 34.37
C11 ET I . -9.77 -15.90 33.94
C12 ET I . -9.00 -14.83 34.39
C13 ET I . -7.64 -15.06 34.87
C14 ET I . -7.09 -16.33 34.66
C15 ET I . -10.00 -18.37 33.41
C16 ET I . -10.92 -19.02 34.24
C17 ET I . -11.73 -20.01 33.74
C18 ET I . -11.61 -20.40 32.43
C19 ET I . -10.74 -19.75 31.60
C20 ET I . -9.91 -18.75 32.08
C21 ET I . -7.24 -18.77 33.98
C22 ET I . -6.24 -18.91 32.85
N23 ET I . -3.71 -15.85 36.05
N24 ET I . -12.86 -14.29 32.85
S SO4 J . -4.28 4.28 33.53
O1 SO4 J . -3.19 4.99 34.19
O2 SO4 J . -4.27 4.61 32.15
O3 SO4 J . -4.09 2.85 33.67
O4 SO4 J . -5.52 4.66 34.18
C1 ET K . 1.28 -16.20 10.41
C2 ET K . 0.83 -14.93 10.12
C3 ET K . -0.56 -14.63 10.08
C4 ET K . -1.50 -15.68 10.31
N5 ET K . -1.95 -18.06 10.81
C6 ET K . -1.51 -19.34 10.92
C7 ET K . 0.31 -20.89 11.43
C8 ET K . 1.66 -21.12 11.66
C9 ET K . 2.60 -20.08 11.46
C10 ET K . 2.17 -18.85 11.08
C11 ET K . -0.10 -19.64 11.00
C12 ET K . 0.82 -18.60 10.91
C13 ET K . 0.36 -17.25 10.58
C14 ET K . -1.04 -17.00 10.57
C15 ET K . -2.44 -20.50 11.05
C16 ET K . -2.96 -20.90 12.28
C17 ET K . -3.84 -21.97 12.37
C18 ET K . -4.15 -22.71 11.24
C19 ET K . -3.61 -22.35 10.02
C20 ET K . -2.75 -21.26 9.93
C21 ET K . -3.44 -17.85 10.87
C22 ET K . -3.94 -17.20 12.12
N23 ET K . -0.95 -13.35 9.82
N24 ET K . 2.13 -22.32 12.00
S SO4 L . 17.66 -10.03 16.18
O1 SO4 L . 16.29 -10.22 15.77
O2 SO4 L . 18.16 -8.73 15.73
O3 SO4 L . 18.50 -11.06 15.63
O4 SO4 L . 17.71 -10.04 17.61
#